data_9F0K
#
_entry.id   9F0K
#
_cell.length_a   1.00
_cell.length_b   1.00
_cell.length_c   1.00
_cell.angle_alpha   90.00
_cell.angle_beta   90.00
_cell.angle_gamma   90.00
#
_symmetry.space_group_name_H-M   'P 1'
#
loop_
_entity.id
_entity.type
_entity.pdbx_description
1 polymer 'Capsid protein VP1'
2 polymer 'Capsid protein VP0'
3 polymer 'Capsid protein VP3'
#
loop_
_entity_poly.entity_id
_entity_poly.type
_entity_poly.pdbx_seq_one_letter_code
_entity_poly.pdbx_strand_id
1 'polypeptide(L)'
;GLGQMLESMIDNTVRETVGAATSRDALPNTEASGPTHSKEIPALTAVETGATNPLVPSDTVQTRHVVQHRSRSESSIESF
FARGACVTIMTVDNPASTTNKDKLFAVWKITYKDTVQLRRKLEFFTYSRFDMELTFVVTANFTETNNGHALNQVYQIMYV
PPGAPVPEKWDDYTWQTSSNPSIFYTYGTAPARISVPYVGISNAYSHFYDGFSKVPLKDQSAALGDSLYGAASLNDFGIL
AVRVVNDPNPTKVTSKIRVYLKPKHIRVWCPRPPRAVAYYGPGVDYKDGTLTPLSTKDLTTY
;
A
2 'polypeptide(L)'
;MGAQVSSQKVGAHENSNGAYGGSTINYTTINYYRDSASNAASKQDFSQDPSKFTEPIKDVLIKTAPMLNSPNIEACGYSD
RVLQLTLGNSTITAQEAANSVVAYGRWPEYLRDSEANPVDQPTEPEVAACRFYTLDTVSWTKESRGWWWKLPDALRDMGL
FGQNMYYHYLGRSGYTVHVQCNASKFHQGALGVFAVPEMCLAGDSNTTTMHTSYQNANPGEKGGTFTGTFTPDNNQTSPA
RRFCPVDYLLGNGTLLGNAFVFPHQIINLRTNNCATLVLPYVNSLSIDSMVKHNNWGIAILPLAPLNFASESSPEIPITL
TIAPMCCEFNGLRNITLPRLQ
;
B
3 'polypeptide(L)'
;GLPVMNTPGSNQYLTADNFQSPCALPEFDVTPPIDIPGEVKNMMELAEIDTMIPFDLSATKKNTMEMYRVRLSDKPHTDD
PILCLSLSPASDPRLSHTMLGEILNYYTHWAGSLKFTFMFCGSMMATGKLLVSYAPPGADPPKKRKEAMLGTHVIWDIGL
QSSCTMVVPWISNTTYRLTIDDSFTEGGYISVFYQTRIVVPLSTPREMDILGFVSACNDFSVRLLRDTTHIEQKALAQ
;
C
#
# COMPACT_ATOMS: atom_id res chain seq x y z
N GLN A 68 4.26 16.54 26.08
CA GLN A 68 4.79 15.55 25.16
C GLN A 68 6.11 16.03 24.56
N HIS A 69 7.20 15.34 24.89
CA HIS A 69 8.52 15.70 24.42
C HIS A 69 9.00 14.80 23.28
N ARG A 70 8.08 14.11 22.61
CA ARG A 70 8.41 13.28 21.46
C ARG A 70 7.59 13.75 20.26
N SER A 71 8.26 13.91 19.12
CA SER A 71 7.64 14.42 17.91
C SER A 71 7.56 13.31 16.87
N ARG A 72 6.55 13.43 16.00
CA ARG A 72 6.36 12.51 14.89
C ARG A 72 6.90 13.07 13.58
N SER A 73 7.87 13.97 13.65
CA SER A 73 8.35 14.68 12.47
C SER A 73 9.38 13.92 11.66
N GLU A 74 9.80 12.73 12.11
CA GLU A 74 10.74 11.94 11.33
C GLU A 74 10.05 10.84 10.53
N SER A 75 8.79 10.55 10.81
CA SER A 75 8.02 9.62 10.00
C SER A 75 7.20 10.31 8.93
N SER A 76 7.25 11.63 8.86
CA SER A 76 6.50 12.36 7.85
C SER A 76 6.84 11.84 6.46
N ILE A 77 5.97 12.18 5.50
CA ILE A 77 6.17 11.70 4.14
C ILE A 77 7.45 12.29 3.55
N GLU A 78 7.67 13.58 3.75
CA GLU A 78 8.87 14.21 3.25
C GLU A 78 10.12 13.56 3.84
N SER A 79 10.11 13.34 5.15
CA SER A 79 11.26 12.71 5.80
C SER A 79 11.42 11.27 5.33
N PHE A 80 10.32 10.57 5.12
CA PHE A 80 10.38 9.16 4.76
C PHE A 80 10.87 8.97 3.33
N PHE A 81 10.61 9.93 2.45
CA PHE A 81 10.94 9.79 1.03
C PHE A 81 12.09 10.67 0.56
N ALA A 82 12.11 11.94 0.96
CA ALA A 82 13.01 12.92 0.36
C ALA A 82 14.43 12.64 0.84
N ARG A 83 15.06 11.66 0.18
CA ARG A 83 16.45 11.31 0.44
C ARG A 83 17.10 10.91 -0.87
N GLY A 84 18.30 11.42 -1.13
CA GLY A 84 18.94 11.21 -2.42
C GLY A 84 19.63 9.87 -2.48
N ALA A 85 19.37 9.12 -3.55
CA ALA A 85 20.00 7.84 -3.77
C ALA A 85 20.35 7.68 -5.24
N CYS A 86 21.42 6.92 -5.49
CA CYS A 86 21.86 6.71 -6.87
C CYS A 86 20.88 5.82 -7.60
N VAL A 87 20.50 6.25 -8.81
CA VAL A 87 19.54 5.50 -9.61
C VAL A 87 20.19 4.86 -10.85
N THR A 88 21.28 5.41 -11.37
CA THR A 88 21.88 4.84 -12.56
C THR A 88 23.32 5.31 -12.70
N ILE A 89 24.08 4.52 -13.46
CA ILE A 89 25.45 4.81 -13.83
C ILE A 89 25.54 4.75 -15.35
N MET A 90 25.94 5.85 -15.96
CA MET A 90 25.98 5.99 -17.41
C MET A 90 27.43 6.15 -17.86
N THR A 91 27.84 5.30 -18.80
CA THR A 91 29.23 5.23 -19.24
C THR A 91 29.37 5.89 -20.61
N VAL A 92 30.37 6.77 -20.73
CA VAL A 92 30.72 7.39 -22.00
C VAL A 92 32.24 7.32 -22.13
N ASP A 93 32.74 7.71 -23.30
CA ASP A 93 34.18 7.72 -23.48
C ASP A 93 34.57 8.60 -24.65
N ASN A 94 35.81 9.07 -24.61
CA ASN A 94 36.43 9.80 -25.71
C ASN A 94 37.51 8.91 -26.30
N PRO A 95 37.37 8.42 -27.52
CA PRO A 95 38.30 7.41 -28.05
C PRO A 95 39.57 8.04 -28.60
N ALA A 96 40.50 7.18 -28.99
CA ALA A 96 41.75 7.65 -29.56
C ALA A 96 41.52 8.23 -30.95
N SER A 97 42.32 9.25 -31.28
CA SER A 97 42.20 9.91 -32.57
C SER A 97 42.78 9.09 -33.72
N THR A 98 43.49 7.99 -33.42
CA THR A 98 43.98 7.13 -34.49
C THR A 98 42.88 6.20 -34.98
N THR A 99 42.36 5.35 -34.09
CA THR A 99 41.22 4.50 -34.43
C THR A 99 39.96 5.35 -34.50
N ASN A 100 39.20 5.19 -35.57
CA ASN A 100 38.06 6.06 -35.86
C ASN A 100 36.72 5.43 -35.52
N LYS A 101 36.67 4.61 -34.47
CA LYS A 101 35.39 4.03 -34.07
C LYS A 101 34.49 5.11 -33.49
N ASP A 102 33.19 4.84 -33.53
CA ASP A 102 32.21 5.84 -33.11
C ASP A 102 32.40 6.22 -31.64
N LYS A 103 32.19 7.49 -31.34
CA LYS A 103 32.22 7.96 -29.96
C LYS A 103 30.96 7.54 -29.24
N LEU A 104 31.12 6.92 -28.07
CA LEU A 104 29.97 6.44 -27.32
C LEU A 104 29.22 7.60 -26.67
N PHE A 105 27.91 7.44 -26.57
CA PHE A 105 27.04 8.35 -25.85
C PHE A 105 26.05 7.52 -25.06
N ALA A 106 25.51 8.10 -24.00
CA ALA A 106 24.65 7.38 -23.07
C ALA A 106 23.23 7.91 -23.13
N VAL A 107 22.26 7.00 -23.05
CA VAL A 107 20.84 7.34 -23.03
C VAL A 107 20.18 6.50 -21.95
N TRP A 108 19.34 7.12 -21.12
CA TRP A 108 18.65 6.41 -20.06
C TRP A 108 17.32 7.06 -19.80
N LYS A 109 16.25 6.26 -19.83
CA LYS A 109 14.91 6.75 -19.56
C LYS A 109 14.65 6.75 -18.07
N ILE A 110 14.07 7.85 -17.57
CA ILE A 110 13.87 8.03 -16.14
C ILE A 110 12.77 7.09 -15.67
N THR A 111 13.09 6.20 -14.74
CA THR A 111 12.13 5.25 -14.19
C THR A 111 12.67 4.75 -12.85
N TYR A 112 11.75 4.57 -11.90
CA TYR A 112 12.12 4.12 -10.56
C TYR A 112 12.02 2.61 -10.39
N LYS A 113 11.70 1.87 -11.43
CA LYS A 113 11.48 0.44 -11.33
C LYS A 113 12.76 -0.36 -11.47
N ASP A 114 13.91 0.25 -11.16
CA ASP A 114 15.17 -0.47 -11.10
C ASP A 114 15.87 -0.33 -9.76
N THR A 115 15.44 0.59 -8.91
CA THR A 115 15.98 0.73 -7.56
C THR A 115 14.98 0.08 -6.60
N VAL A 116 15.44 -0.95 -5.89
CA VAL A 116 14.53 -1.71 -5.04
C VAL A 116 13.96 -0.83 -3.94
N GLN A 117 14.83 -0.05 -3.29
CA GLN A 117 14.41 0.64 -2.07
C GLN A 117 13.35 1.70 -2.37
N LEU A 118 13.62 2.56 -3.35
CA LEU A 118 12.68 3.63 -3.68
C LEU A 118 11.34 3.05 -4.13
N ARG A 119 11.40 2.04 -5.00
CA ARG A 119 10.16 1.44 -5.48
C ARG A 119 9.37 0.85 -4.33
N ARG A 120 9.99 0.00 -3.53
CA ARG A 120 9.28 -0.64 -2.43
C ARG A 120 8.68 0.39 -1.49
N LYS A 121 9.38 1.51 -1.28
CA LYS A 121 8.80 2.57 -0.46
C LYS A 121 7.67 3.31 -1.16
N LEU A 122 7.61 3.25 -2.49
CA LEU A 122 6.52 3.88 -3.22
C LEU A 122 5.28 2.99 -3.34
N GLU A 123 5.45 1.67 -3.35
CA GLU A 123 4.34 0.76 -3.50
C GLU A 123 3.47 0.68 -2.26
N PHE A 124 3.86 1.32 -1.15
CA PHE A 124 2.96 1.44 -0.02
C PHE A 124 1.68 2.17 -0.40
N PHE A 125 1.70 2.94 -1.47
CA PHE A 125 0.58 3.78 -1.86
C PHE A 125 0.26 3.53 -3.33
N THR A 126 -0.79 4.16 -3.82
CA THR A 126 -1.24 3.96 -5.19
C THR A 126 -1.17 5.21 -6.05
N TYR A 127 -1.44 6.39 -5.50
CA TYR A 127 -1.33 7.64 -6.22
C TYR A 127 -0.29 8.53 -5.54
N SER A 128 0.46 9.26 -6.37
CA SER A 128 1.63 10.00 -5.90
C SER A 128 1.80 11.27 -6.72
N ARG A 129 2.50 12.23 -6.12
CA ARG A 129 2.92 13.47 -6.79
C ARG A 129 4.25 13.90 -6.20
N PHE A 130 5.18 14.35 -7.06
CA PHE A 130 6.44 14.86 -6.54
C PHE A 130 7.26 15.47 -7.66
N ASP A 131 8.18 16.37 -7.29
CA ASP A 131 9.19 16.89 -8.19
C ASP A 131 10.49 16.12 -8.02
N MET A 132 11.38 16.24 -9.00
CA MET A 132 12.66 15.56 -8.94
C MET A 132 13.80 16.56 -8.79
N GLU A 133 14.83 16.14 -8.06
CA GLU A 133 16.08 16.88 -7.97
C GLU A 133 17.20 15.94 -8.38
N LEU A 134 17.90 16.27 -9.45
CA LEU A 134 18.89 15.39 -10.05
C LEU A 134 20.27 15.99 -9.87
N THR A 135 21.22 15.17 -9.44
CA THR A 135 22.62 15.57 -9.32
C THR A 135 23.49 14.56 -10.04
N PHE A 136 24.60 15.03 -10.61
CA PHE A 136 25.46 14.20 -11.44
C PHE A 136 26.87 14.21 -10.90
N VAL A 137 27.43 13.02 -10.65
CA VAL A 137 28.79 12.88 -10.17
C VAL A 137 29.59 12.20 -11.26
N VAL A 138 30.56 12.92 -11.82
CA VAL A 138 31.31 12.47 -12.99
C VAL A 138 32.71 12.08 -12.57
N THR A 139 33.20 10.96 -13.09
CA THR A 139 34.57 10.54 -12.88
C THR A 139 35.12 10.01 -14.19
N ALA A 140 36.45 10.04 -14.33
CA ALA A 140 37.11 9.67 -15.56
C ALA A 140 38.39 8.93 -15.26
N ASN A 141 38.94 8.28 -16.29
CA ASN A 141 40.19 7.58 -16.13
C ASN A 141 40.78 7.23 -17.49
N PHE A 142 42.10 7.20 -17.55
CA PHE A 142 42.79 6.67 -18.72
C PHE A 142 42.66 5.16 -18.76
N THR A 143 42.55 4.62 -19.97
CA THR A 143 42.31 3.19 -20.16
C THR A 143 43.48 2.51 -20.86
N GLU A 144 44.68 3.05 -20.72
CA GLU A 144 45.86 2.42 -21.30
C GLU A 144 47.10 3.17 -20.87
N THR A 145 48.22 2.46 -20.84
CA THR A 145 49.51 3.02 -20.41
C THR A 145 50.18 3.70 -21.59
N ASN A 146 49.86 4.98 -21.78
CA ASN A 146 50.51 5.79 -22.81
C ASN A 146 50.93 7.12 -22.20
N ASN A 147 52.07 7.64 -22.67
CA ASN A 147 52.54 8.93 -22.18
C ASN A 147 51.72 10.09 -22.73
N GLY A 148 51.08 9.93 -23.88
CA GLY A 148 50.19 10.96 -24.37
C GLY A 148 49.08 11.22 -23.37
N HIS A 149 48.69 12.49 -23.27
CA HIS A 149 47.72 12.92 -22.27
C HIS A 149 46.57 13.63 -22.96
N ALA A 150 45.68 14.20 -22.16
CA ALA A 150 44.50 14.87 -22.66
C ALA A 150 44.28 16.16 -21.88
N LEU A 151 43.60 17.11 -22.51
CA LEU A 151 43.22 18.34 -21.84
C LEU A 151 41.94 18.12 -21.05
N ASN A 152 41.46 19.18 -20.40
CA ASN A 152 40.23 19.09 -19.63
C ASN A 152 39.06 18.80 -20.56
N GLN A 153 38.07 18.09 -20.02
CA GLN A 153 36.92 17.65 -20.79
C GLN A 153 35.64 18.32 -20.33
N VAL A 154 34.75 18.57 -21.29
CA VAL A 154 33.45 19.16 -21.04
C VAL A 154 32.40 18.14 -21.46
N TYR A 155 31.38 17.97 -20.62
CA TYR A 155 30.31 17.00 -20.86
C TYR A 155 29.00 17.72 -21.11
N GLN A 156 28.26 17.25 -22.11
CA GLN A 156 26.91 17.71 -22.37
C GLN A 156 25.94 16.70 -21.78
N ILE A 157 25.01 17.20 -20.97
CA ILE A 157 24.01 16.38 -20.28
C ILE A 157 22.66 16.97 -20.66
N MET A 158 21.96 16.30 -21.56
CA MET A 158 20.73 16.81 -22.15
C MET A 158 19.53 16.11 -21.52
N TYR A 159 18.53 16.89 -21.13
CA TYR A 159 17.29 16.36 -20.61
C TYR A 159 16.21 16.49 -21.68
N VAL A 160 15.65 15.36 -22.10
CA VAL A 160 14.62 15.30 -23.13
C VAL A 160 13.28 15.14 -22.42
N PRO A 161 12.40 16.13 -22.42
CA PRO A 161 11.13 16.01 -21.70
C PRO A 161 10.31 14.85 -22.24
N PRO A 162 9.20 14.52 -21.58
CA PRO A 162 8.37 13.38 -22.01
C PRO A 162 7.58 13.72 -23.27
N GLY A 163 7.85 13.00 -24.35
CA GLY A 163 7.14 13.17 -25.60
C GLY A 163 8.02 13.53 -26.77
N ALA A 164 9.31 13.78 -26.56
CA ALA A 164 10.20 14.25 -27.60
C ALA A 164 11.06 13.11 -28.13
N PRO A 165 11.70 13.30 -29.28
CA PRO A 165 12.55 12.24 -29.84
C PRO A 165 13.78 12.00 -28.98
N VAL A 166 14.31 10.79 -29.07
CA VAL A 166 15.52 10.40 -28.35
C VAL A 166 16.69 10.39 -29.33
N PRO A 167 17.89 10.79 -28.90
CA PRO A 167 19.04 10.71 -29.81
C PRO A 167 19.32 9.27 -30.22
N GLU A 168 19.80 9.12 -31.46
CA GLU A 168 20.17 7.83 -32.00
C GLU A 168 21.60 7.78 -32.53
N LYS A 169 22.26 8.93 -32.66
CA LYS A 169 23.65 8.99 -33.04
C LYS A 169 24.31 10.10 -32.25
N TRP A 170 25.63 9.99 -32.07
CA TRP A 170 26.33 10.94 -31.21
C TRP A 170 26.24 12.36 -31.76
N ASP A 171 26.37 12.50 -33.08
CA ASP A 171 26.15 13.77 -33.76
C ASP A 171 24.79 13.69 -34.45
N ASP A 172 23.90 14.61 -34.10
CA ASP A 172 22.53 14.51 -34.58
C ASP A 172 21.79 15.77 -34.15
N TYR A 173 20.71 16.09 -34.87
CA TYR A 173 20.00 17.33 -34.58
C TYR A 173 19.41 17.34 -33.18
N THR A 174 19.29 16.17 -32.55
CA THR A 174 18.73 16.12 -31.21
C THR A 174 19.61 16.84 -30.21
N TRP A 175 20.94 16.86 -30.42
CA TRP A 175 21.79 17.73 -29.61
C TRP A 175 21.89 19.12 -30.23
N GLN A 176 20.78 19.65 -30.73
CA GLN A 176 20.70 21.02 -31.19
C GLN A 176 19.40 21.70 -30.85
N THR A 177 18.33 20.96 -30.62
CA THR A 177 17.01 21.54 -30.52
C THR A 177 16.94 22.50 -29.36
N SER A 178 16.36 23.68 -29.60
CA SER A 178 16.19 24.65 -28.54
C SER A 178 15.21 24.17 -27.49
N SER A 179 14.43 23.13 -27.79
CA SER A 179 13.43 22.63 -26.84
C SER A 179 14.06 21.82 -25.72
N ASN A 180 15.11 21.06 -26.00
CA ASN A 180 15.73 20.23 -24.99
C ASN A 180 16.73 21.04 -24.18
N PRO A 181 16.54 21.20 -22.86
CA PRO A 181 17.55 21.89 -22.07
C PRO A 181 18.74 21.01 -21.74
N SER A 182 19.93 21.59 -21.86
CA SER A 182 21.18 20.88 -21.65
C SER A 182 21.99 21.57 -20.55
N ILE A 183 22.93 20.82 -20.00
CA ILE A 183 23.91 21.33 -19.06
C ILE A 183 25.29 21.04 -19.63
N PHE A 184 26.17 22.03 -19.57
CA PHE A 184 27.56 21.87 -19.96
C PHE A 184 28.41 21.93 -18.71
N TYR A 185 29.08 20.81 -18.40
CA TYR A 185 29.78 20.64 -17.13
C TYR A 185 31.26 20.39 -17.42
N THR A 186 32.13 21.19 -16.80
CA THR A 186 33.56 21.08 -16.99
C THR A 186 34.17 20.21 -15.90
N TYR A 187 34.95 19.22 -16.29
CA TYR A 187 35.45 18.24 -15.34
C TYR A 187 36.28 18.92 -14.25
N GLY A 188 36.11 18.46 -13.02
CA GLY A 188 36.88 18.95 -11.90
C GLY A 188 36.24 20.06 -11.10
N THR A 189 34.95 20.32 -11.29
CA THR A 189 34.26 21.36 -10.55
C THR A 189 33.09 20.76 -9.78
N ALA A 190 32.28 21.59 -9.14
CA ALA A 190 31.20 21.08 -8.33
C ALA A 190 30.23 20.28 -9.19
N PRO A 191 29.61 19.23 -8.63
CA PRO A 191 28.67 18.42 -9.42
C PRO A 191 27.51 19.25 -9.96
N ALA A 192 27.03 18.83 -11.13
CA ALA A 192 25.90 19.50 -11.77
C ALA A 192 24.58 19.08 -11.14
N ARG A 193 23.62 20.00 -11.13
CA ARG A 193 22.35 19.78 -10.47
C ARG A 193 21.23 20.48 -11.23
N ILE A 194 20.05 19.87 -11.25
CA ILE A 194 18.84 20.48 -11.81
C ILE A 194 17.64 19.99 -11.03
N SER A 195 16.48 20.61 -11.29
CA SER A 195 15.23 20.20 -10.68
C SER A 195 14.14 20.16 -11.75
N VAL A 196 13.43 19.04 -11.83
CA VAL A 196 12.34 18.86 -12.77
C VAL A 196 11.03 18.94 -12.02
N PRO A 197 10.00 19.61 -12.55
CA PRO A 197 8.73 19.70 -11.81
C PRO A 197 7.87 18.46 -12.00
N TYR A 198 6.63 18.52 -11.53
CA TYR A 198 5.69 17.44 -11.75
C TYR A 198 5.19 17.50 -13.18
N VAL A 199 5.64 16.57 -14.02
CA VAL A 199 5.28 16.52 -15.44
C VAL A 199 4.37 15.33 -15.64
N GLY A 200 3.09 15.59 -15.87
CA GLY A 200 2.15 14.52 -16.11
C GLY A 200 0.81 15.03 -16.58
N ILE A 201 0.09 14.22 -17.37
CA ILE A 201 -1.17 14.68 -17.93
C ILE A 201 -2.33 14.46 -16.98
N SER A 202 -2.23 13.49 -16.07
CA SER A 202 -3.22 13.30 -15.03
C SER A 202 -2.87 14.17 -13.84
N ASN A 203 -3.73 14.12 -12.82
CA ASN A 203 -3.52 14.91 -11.62
C ASN A 203 -2.64 14.20 -10.59
N ALA A 204 -2.09 13.04 -10.92
CA ALA A 204 -1.16 12.35 -10.04
C ALA A 204 -0.61 11.10 -10.74
N TYR A 205 0.59 10.69 -10.37
CA TYR A 205 1.10 9.42 -10.86
C TYR A 205 0.28 8.28 -10.27
N SER A 206 0.27 7.15 -10.96
CA SER A 206 -0.48 5.98 -10.53
C SER A 206 0.44 4.77 -10.59
N HIS A 207 0.78 4.23 -9.42
CA HIS A 207 1.62 3.05 -9.37
C HIS A 207 0.86 1.81 -9.75
N PHE A 208 -0.45 1.80 -9.51
CA PHE A 208 -1.33 0.70 -9.89
C PHE A 208 -2.48 1.25 -10.71
N TYR A 209 -2.76 0.62 -11.84
CA TYR A 209 -3.79 1.09 -12.75
C TYR A 209 -4.57 -0.11 -13.25
N ASP A 210 -5.83 -0.23 -12.83
CA ASP A 210 -6.71 -1.31 -13.29
C ASP A 210 -7.45 -0.82 -14.52
N GLY A 211 -6.79 -0.95 -15.67
CA GLY A 211 -7.38 -0.49 -16.92
C GLY A 211 -6.57 -0.94 -18.10
N PHE A 212 -7.16 -0.79 -19.27
CA PHE A 212 -6.55 -1.15 -20.54
C PHE A 212 -6.57 0.04 -21.48
N SER A 213 -5.63 0.05 -22.42
CA SER A 213 -5.60 1.12 -23.41
C SER A 213 -6.68 0.94 -24.47
N LYS A 214 -6.93 -0.29 -24.88
CA LYS A 214 -7.95 -0.60 -25.90
C LYS A 214 -8.84 -1.72 -25.39
N VAL A 215 -10.15 -1.56 -25.58
CA VAL A 215 -11.13 -2.54 -25.13
C VAL A 215 -11.56 -3.39 -26.33
N PRO A 216 -11.79 -4.70 -26.15
CA PRO A 216 -12.25 -5.53 -27.27
C PRO A 216 -13.54 -5.00 -27.92
N SER A 227 -3.20 -2.69 -26.24
CA SER A 227 -3.78 -2.74 -24.89
C SER A 227 -2.76 -3.26 -23.89
N LEU A 228 -2.52 -2.50 -22.83
CA LEU A 228 -1.60 -2.88 -21.78
C LEU A 228 -2.29 -2.75 -20.42
N TYR A 229 -2.11 -3.75 -19.57
CA TYR A 229 -2.72 -3.76 -18.24
C TYR A 229 -1.74 -3.17 -17.24
N GLY A 230 -2.03 -1.98 -16.75
CA GLY A 230 -1.15 -1.30 -15.81
C GLY A 230 0.21 -1.02 -16.40
N SER A 233 -1.58 2.06 -16.59
CA SER A 233 -0.74 2.97 -17.37
C SER A 233 0.67 2.99 -16.81
N LEU A 234 1.64 3.31 -17.66
CA LEU A 234 3.01 3.52 -17.26
C LEU A 234 3.31 5.00 -17.23
N ASN A 235 4.14 5.41 -16.28
CA ASN A 235 4.47 6.81 -16.07
C ASN A 235 5.66 7.21 -16.93
N ASP A 236 5.59 8.43 -17.49
CA ASP A 236 6.62 8.96 -18.36
C ASP A 236 7.24 10.17 -17.69
N PHE A 237 8.56 10.13 -17.49
CA PHE A 237 9.28 11.18 -16.81
C PHE A 237 10.24 11.96 -17.70
N GLY A 238 10.80 11.33 -18.72
CA GLY A 238 11.72 11.98 -19.63
C GLY A 238 12.82 11.05 -20.02
N ILE A 239 13.93 11.63 -20.49
CA ILE A 239 15.11 10.88 -20.88
C ILE A 239 16.33 11.72 -20.57
N LEU A 240 17.44 11.07 -20.26
CA LEU A 240 18.72 11.74 -20.03
C LEU A 240 19.73 11.20 -21.03
N ALA A 241 20.34 12.09 -21.80
CA ALA A 241 21.39 11.74 -22.74
C ALA A 241 22.66 12.45 -22.34
N VAL A 242 23.80 11.81 -22.58
CA VAL A 242 25.08 12.35 -22.15
C VAL A 242 26.13 12.06 -23.21
N ARG A 243 26.97 13.06 -23.49
CA ARG A 243 28.11 12.86 -24.38
C ARG A 243 29.24 13.80 -23.97
N VAL A 244 30.37 13.65 -24.65
CA VAL A 244 31.56 14.47 -24.41
C VAL A 244 31.72 15.42 -25.59
N VAL A 245 31.71 16.72 -25.32
CA VAL A 245 31.79 17.72 -26.38
C VAL A 245 33.16 17.68 -27.04
N ASN A 246 34.22 17.41 -26.30
CA ASN A 246 35.56 17.46 -26.86
C ASN A 246 35.71 16.47 -28.01
N ASP A 247 36.47 16.86 -29.02
CA ASP A 247 36.79 15.95 -30.10
C ASP A 247 37.88 14.98 -29.67
N PRO A 248 38.05 13.87 -30.39
CA PRO A 248 38.93 12.81 -29.91
C PRO A 248 40.35 13.29 -29.64
N ASN A 249 40.90 12.85 -28.52
CA ASN A 249 42.31 13.02 -28.23
C ASN A 249 43.11 11.86 -28.81
N PRO A 250 44.43 11.91 -28.73
CA PRO A 250 45.23 10.72 -29.05
C PRO A 250 45.23 9.66 -27.95
N THR A 251 44.49 9.89 -26.86
CA THR A 251 44.40 8.95 -25.75
C THR A 251 42.94 8.67 -25.46
N LYS A 252 42.60 7.39 -25.30
CA LYS A 252 41.24 6.98 -24.98
C LYS A 252 40.99 7.16 -23.49
N VAL A 253 39.97 7.92 -23.13
CA VAL A 253 39.65 8.17 -21.72
C VAL A 253 38.17 7.86 -21.51
N THR A 254 37.88 7.06 -20.48
CA THR A 254 36.53 6.58 -20.22
C THR A 254 35.98 7.26 -18.97
N SER A 255 34.70 7.62 -19.02
CA SER A 255 34.05 8.38 -17.96
C SER A 255 32.75 7.72 -17.56
N LYS A 256 32.41 7.88 -16.29
CA LYS A 256 31.17 7.38 -15.73
C LYS A 256 30.47 8.48 -14.96
N ILE A 257 29.16 8.60 -15.17
CA ILE A 257 28.33 9.60 -14.50
C ILE A 257 27.32 8.86 -13.64
N ARG A 258 27.27 9.19 -12.37
CA ARG A 258 26.31 8.61 -11.44
C ARG A 258 25.22 9.63 -11.17
N VAL A 259 23.97 9.20 -11.30
CA VAL A 259 22.83 10.09 -11.15
C VAL A 259 22.20 9.85 -9.79
N TYR A 260 22.05 10.92 -9.01
CA TYR A 260 21.44 10.87 -7.69
C TYR A 260 20.12 11.63 -7.74
N LEU A 261 19.04 10.94 -7.44
CA LEU A 261 17.69 11.48 -7.56
C LEU A 261 17.11 11.73 -6.17
N LYS A 262 16.36 12.81 -6.04
CA LYS A 262 15.74 13.13 -4.77
C LYS A 262 14.31 13.64 -5.00
N PRO A 263 13.29 12.89 -4.61
CA PRO A 263 11.93 13.41 -4.72
C PRO A 263 11.71 14.56 -3.76
N LYS A 264 10.84 15.49 -4.15
CA LYS A 264 10.61 16.69 -3.39
C LYS A 264 9.14 17.07 -3.43
N HIS A 265 8.69 17.70 -2.36
CA HIS A 265 7.30 18.15 -2.24
C HIS A 265 6.33 17.03 -2.52
N ILE A 266 6.59 15.86 -1.97
CA ILE A 266 5.88 14.64 -2.34
C ILE A 266 4.58 14.55 -1.56
N ARG A 267 3.54 14.03 -2.23
CA ARG A 267 2.27 13.70 -1.61
C ARG A 267 1.87 12.31 -2.10
N VAL A 268 1.16 11.57 -1.25
CA VAL A 268 0.72 10.21 -1.55
C VAL A 268 -0.73 10.04 -1.12
N TRP A 269 -1.38 9.03 -1.69
CA TRP A 269 -2.78 8.74 -1.36
C TRP A 269 -3.01 7.24 -1.26
N CYS A 270 -4.08 6.88 -0.52
CA CYS A 270 -4.66 5.54 -0.52
C CYS A 270 -3.66 4.43 -0.24
N PRO A 271 -3.25 4.26 1.02
CA PRO A 271 -2.19 3.28 1.32
C PRO A 271 -2.57 1.85 0.98
N ARG A 272 -1.56 1.04 0.73
CA ARG A 272 -1.71 -0.36 0.40
C ARG A 272 -0.75 -1.19 1.23
N PRO A 273 -0.99 -2.50 1.36
CA PRO A 273 -0.03 -3.35 2.02
C PRO A 273 1.26 -3.44 1.21
N PRO A 274 2.40 -3.57 1.89
CA PRO A 274 3.67 -3.70 1.16
C PRO A 274 3.93 -5.13 0.72
N ARG A 275 4.72 -5.26 -0.34
CA ARG A 275 5.11 -6.56 -0.85
C ARG A 275 6.40 -7.04 -0.21
N ALA A 276 6.64 -8.35 -0.30
CA ALA A 276 7.84 -8.94 0.24
C ALA A 276 9.01 -8.74 -0.74
N VAL A 277 10.20 -9.12 -0.29
CA VAL A 277 11.41 -9.00 -1.13
C VAL A 277 11.54 -10.31 -1.89
N ALA A 278 10.84 -10.37 -3.03
CA ALA A 278 10.90 -11.51 -3.93
C ALA A 278 11.41 -11.04 -5.30
N TYR A 279 12.49 -10.26 -5.29
CA TYR A 279 12.98 -9.58 -6.49
C TYR A 279 11.95 -8.58 -7.00
N TYR A 280 10.84 -8.45 -6.29
CA TYR A 280 9.72 -7.63 -6.77
C TYR A 280 9.26 -8.16 -8.13
N GLY A 281 8.83 -7.28 -9.02
CA GLY A 281 8.43 -7.68 -10.35
C GLY A 281 8.26 -6.49 -11.28
N PRO A 282 8.12 -6.75 -12.58
CA PRO A 282 7.95 -5.64 -13.53
C PRO A 282 6.60 -4.95 -13.39
N GLY A 283 5.54 -5.71 -13.14
CA GLY A 283 4.22 -5.14 -12.85
C GLY A 283 3.74 -5.55 -11.48
N VAL A 284 2.44 -5.80 -11.34
CA VAL A 284 1.90 -6.33 -10.09
C VAL A 284 1.98 -7.84 -10.12
N ASP A 285 2.58 -8.39 -11.18
CA ASP A 285 2.73 -9.83 -11.28
C ASP A 285 3.71 -10.36 -10.23
N TYR A 286 3.49 -11.60 -9.83
CA TYR A 286 4.37 -12.26 -8.88
C TYR A 286 4.44 -13.76 -9.15
N TYR B 32 14.74 33.91 -4.47
CA TYR B 32 15.70 34.12 -5.55
C TYR B 32 15.08 33.85 -6.91
N TYR B 33 14.40 32.73 -7.02
CA TYR B 33 13.81 32.28 -8.28
C TYR B 33 12.29 32.34 -8.20
N ARG B 34 11.66 32.77 -9.29
CA ARG B 34 10.21 32.95 -9.29
C ARG B 34 9.48 31.63 -9.48
N ASP B 35 9.91 30.82 -10.44
CA ASP B 35 9.33 29.49 -10.57
C ASP B 35 9.60 28.67 -9.31
N SER B 36 8.54 28.05 -8.79
CA SER B 36 8.57 27.45 -7.46
C SER B 36 8.86 25.95 -7.48
N ALA B 37 9.67 25.50 -8.43
CA ALA B 37 10.14 24.12 -8.39
C ALA B 37 11.21 23.89 -7.33
N SER B 38 11.79 24.96 -6.78
CA SER B 38 12.86 24.83 -5.80
C SER B 38 12.84 26.10 -4.94
N ASN B 39 12.36 25.96 -3.71
CA ASN B 39 12.31 27.05 -2.74
C ASN B 39 13.05 26.69 -1.46
N ALA B 40 14.03 25.79 -1.56
CA ALA B 40 14.84 25.30 -0.45
C ALA B 40 14.07 24.31 0.44
N ALA B 41 12.94 23.79 -0.03
CA ALA B 41 12.18 22.82 0.74
C ALA B 41 12.28 21.44 0.10
N SER B 51 -8.23 9.23 12.39
CA SER B 51 -9.62 8.85 12.68
C SER B 51 -10.38 8.65 11.38
N LYS B 52 -10.01 9.42 10.35
CA LYS B 52 -10.65 9.32 9.04
C LYS B 52 -10.08 8.18 8.20
N PHE B 53 -9.02 7.53 8.66
CA PHE B 53 -8.42 6.42 7.92
C PHE B 53 -9.00 5.07 8.33
N THR B 54 -9.44 4.93 9.57
CA THR B 54 -9.84 3.64 10.12
C THR B 54 -11.34 3.41 9.94
N GLU B 55 -11.76 3.41 8.68
CA GLU B 55 -13.13 3.08 8.30
C GLU B 55 -14.13 3.78 9.22
N PRO B 56 -14.31 5.08 9.09
CA PRO B 56 -15.24 5.79 9.98
C PRO B 56 -16.66 5.27 9.85
N ILE B 57 -17.38 5.30 10.97
CA ILE B 57 -18.80 4.95 10.98
C ILE B 57 -19.61 6.14 10.50
N LYS B 58 -20.83 5.87 10.02
CA LYS B 58 -21.65 6.92 9.42
C LYS B 58 -21.99 8.01 10.43
N ASP B 59 -22.34 7.62 11.65
CA ASP B 59 -22.80 8.60 12.64
C ASP B 59 -21.71 9.61 13.00
N VAL B 60 -20.44 9.26 12.81
CA VAL B 60 -19.35 10.15 13.23
C VAL B 60 -19.46 11.49 12.51
N LEU B 61 -19.32 11.47 11.18
CA LEU B 61 -19.28 12.70 10.40
C LEU B 61 -20.65 13.08 9.86
N ILE B 62 -21.24 12.21 9.03
CA ILE B 62 -22.48 12.52 8.33
C ILE B 62 -23.57 11.63 8.93
N LYS B 63 -24.40 12.21 9.79
CA LYS B 63 -25.55 11.51 10.35
C LYS B 63 -26.87 12.01 9.82
N THR B 64 -26.91 13.20 9.23
CA THR B 64 -28.14 13.77 8.69
C THR B 64 -28.47 13.25 7.30
N ALA B 65 -27.81 12.17 6.86
CA ALA B 65 -28.05 11.62 5.53
C ALA B 65 -28.45 10.14 5.60
N PRO B 66 -29.48 9.78 6.38
CA PRO B 66 -30.06 8.43 6.29
C PRO B 66 -31.10 8.31 5.19
N MET B 67 -30.77 8.84 4.00
CA MET B 67 -31.68 8.78 2.86
C MET B 67 -31.75 7.39 2.25
N LEU B 68 -30.93 6.46 2.73
CA LEU B 68 -30.98 5.09 2.22
C LEU B 68 -32.25 4.37 2.64
N ASN B 69 -33.05 4.98 3.52
CA ASN B 69 -34.29 4.38 4.01
C ASN B 69 -33.96 3.17 4.87
N THR B 91 -35.41 0.51 -0.11
CA THR B 91 -35.55 0.28 1.32
C THR B 91 -35.19 -1.16 1.65
N ILE B 92 -33.94 -1.54 1.35
CA ILE B 92 -33.53 -2.93 1.52
C ILE B 92 -33.17 -3.24 2.97
N THR B 93 -32.83 -2.22 3.77
CA THR B 93 -32.55 -2.44 5.18
C THR B 93 -32.72 -1.12 5.93
N ALA B 94 -33.12 -1.23 7.19
CA ALA B 94 -33.33 -0.08 8.05
C ALA B 94 -32.76 -0.38 9.43
N GLN B 95 -32.17 0.64 10.04
CA GLN B 95 -31.50 0.63 11.34
C GLN B 95 -30.13 -0.04 11.27
N GLU B 96 -29.76 -0.64 10.14
CA GLU B 96 -28.39 -1.04 9.90
C GLU B 96 -27.61 -0.01 9.09
N ALA B 97 -28.28 1.05 8.62
CA ALA B 97 -27.58 2.10 7.89
C ALA B 97 -26.76 2.98 8.82
N ALA B 98 -27.02 2.95 10.11
CA ALA B 98 -26.28 3.75 11.08
C ALA B 98 -25.05 3.03 11.62
N ASN B 99 -24.87 1.75 11.28
CA ASN B 99 -23.66 1.02 11.64
C ASN B 99 -22.82 0.69 10.41
N SER B 100 -22.91 1.54 9.39
CA SER B 100 -22.15 1.37 8.15
C SER B 100 -20.85 2.15 8.22
N VAL B 101 -19.92 1.77 7.36
CA VAL B 101 -18.61 2.42 7.28
C VAL B 101 -18.57 3.28 6.03
N VAL B 102 -18.09 4.51 6.17
CA VAL B 102 -17.91 5.42 5.05
C VAL B 102 -16.43 5.42 4.71
N ALA B 103 -16.08 4.89 3.54
CA ALA B 103 -14.68 4.75 3.18
C ALA B 103 -13.97 6.09 3.22
N TYR B 104 -12.81 6.12 3.89
CA TYR B 104 -11.97 7.32 3.99
C TYR B 104 -12.74 8.52 4.54
N GLY B 105 -13.87 8.28 5.18
CA GLY B 105 -14.64 9.37 5.76
C GLY B 105 -15.08 10.41 4.77
N ARG B 106 -15.42 10.00 3.55
CA ARG B 106 -15.85 10.91 2.50
C ARG B 106 -17.18 10.42 1.94
N TRP B 107 -18.15 11.33 1.86
CA TRP B 107 -19.47 11.01 1.33
C TRP B 107 -19.51 11.30 -0.17
N PRO B 108 -20.06 10.41 -0.98
CA PRO B 108 -20.11 10.69 -2.43
C PRO B 108 -20.85 12.00 -2.69
N GLU B 109 -20.35 12.76 -3.66
CA GLU B 109 -20.87 14.08 -3.96
C GLU B 109 -20.79 14.34 -5.44
N TYR B 110 -21.67 15.24 -5.91
CA TYR B 110 -21.63 15.66 -7.29
C TYR B 110 -20.38 16.49 -7.56
N LEU B 111 -20.03 16.61 -8.84
CA LEU B 111 -18.87 17.38 -9.24
C LEU B 111 -19.24 18.86 -9.18
N ARG B 112 -18.70 19.56 -8.19
CA ARG B 112 -19.04 20.95 -7.96
C ARG B 112 -18.32 21.82 -8.98
N ASP B 113 -18.40 23.14 -8.80
CA ASP B 113 -17.76 24.09 -9.72
C ASP B 113 -16.29 23.77 -9.89
N PRO B 125 -26.72 12.19 -13.52
CA PRO B 125 -27.64 12.39 -12.40
C PRO B 125 -28.97 11.68 -12.62
N GLU B 126 -28.91 10.45 -13.14
CA GLU B 126 -30.10 9.72 -13.50
C GLU B 126 -30.89 9.34 -12.24
N VAL B 127 -32.17 9.04 -12.45
CA VAL B 127 -33.07 8.65 -11.37
C VAL B 127 -33.31 7.15 -11.35
N ALA B 128 -33.43 6.52 -12.52
CA ALA B 128 -33.63 5.07 -12.57
C ALA B 128 -32.44 4.33 -12.01
N ALA B 129 -31.23 4.81 -12.30
CA ALA B 129 -30.02 4.16 -11.80
C ALA B 129 -29.85 4.31 -10.30
N CYS B 130 -30.66 5.13 -9.64
CA CYS B 130 -30.61 5.25 -8.19
C CYS B 130 -31.04 3.96 -7.48
N ARG B 131 -31.78 3.09 -8.17
CA ARG B 131 -32.31 1.90 -7.55
C ARG B 131 -31.18 0.98 -7.09
N PHE B 132 -31.55 -0.05 -6.35
CA PHE B 132 -30.63 -1.11 -5.95
C PHE B 132 -30.66 -2.24 -6.95
N TYR B 133 -29.52 -2.89 -7.13
CA TYR B 133 -29.38 -4.01 -8.06
C TYR B 133 -28.89 -5.21 -7.27
N THR B 134 -29.78 -6.17 -7.04
CA THR B 134 -29.48 -7.34 -6.23
C THR B 134 -28.94 -8.45 -7.14
N LEU B 135 -27.62 -8.60 -7.15
CA LEU B 135 -27.01 -9.66 -7.92
C LEU B 135 -27.45 -11.02 -7.37
N ASP B 136 -27.07 -12.08 -8.08
CA ASP B 136 -27.37 -13.41 -7.62
C ASP B 136 -26.62 -13.71 -6.32
N THR B 137 -27.22 -14.56 -5.49
CA THR B 137 -26.56 -15.00 -4.28
C THR B 137 -25.51 -16.06 -4.61
N VAL B 138 -24.60 -16.27 -3.66
CA VAL B 138 -23.54 -17.26 -3.82
C VAL B 138 -23.51 -18.13 -2.57
N SER B 139 -23.14 -19.40 -2.75
CA SER B 139 -23.24 -20.39 -1.70
C SER B 139 -21.91 -20.50 -0.96
N TRP B 140 -21.92 -20.16 0.32
CA TRP B 140 -20.81 -20.36 1.24
C TRP B 140 -20.93 -21.78 1.78
N THR B 141 -20.04 -22.65 1.34
CA THR B 141 -19.98 -24.02 1.83
C THR B 141 -18.82 -24.16 2.80
N LYS B 142 -18.54 -25.40 3.21
CA LYS B 142 -17.41 -25.70 4.07
C LYS B 142 -16.11 -25.84 3.29
N GLU B 143 -16.07 -25.37 2.05
CA GLU B 143 -14.88 -25.49 1.20
C GLU B 143 -14.53 -24.21 0.45
N SER B 144 -15.41 -23.21 0.43
CA SER B 144 -15.18 -22.04 -0.40
C SER B 144 -13.95 -21.27 0.10
N ARG B 145 -13.28 -20.60 -0.84
CA ARG B 145 -12.07 -19.82 -0.54
C ARG B 145 -12.26 -18.33 -0.66
N GLY B 146 -13.21 -17.86 -1.45
CA GLY B 146 -13.47 -16.43 -1.55
C GLY B 146 -14.11 -16.08 -2.87
N TRP B 147 -14.58 -14.84 -2.95
CA TRP B 147 -15.25 -14.33 -4.13
C TRP B 147 -14.83 -12.88 -4.35
N TRP B 148 -14.93 -12.41 -5.60
CA TRP B 148 -14.58 -11.02 -5.88
C TRP B 148 -15.34 -10.52 -7.10
N TRP B 149 -15.61 -9.22 -7.08
CA TRP B 149 -16.30 -8.52 -8.16
C TRP B 149 -15.58 -7.21 -8.44
N LYS B 150 -15.89 -6.62 -9.59
CA LYS B 150 -15.29 -5.36 -10.03
C LYS B 150 -16.37 -4.31 -10.25
N LEU B 151 -16.11 -3.09 -9.82
CA LEU B 151 -17.03 -1.98 -10.00
C LEU B 151 -16.38 -0.90 -10.85
N PRO B 152 -17.06 -0.41 -11.90
CA PRO B 152 -18.47 -0.64 -12.28
C PRO B 152 -18.73 -1.85 -13.18
N ASP B 153 -17.73 -2.67 -13.48
CA ASP B 153 -17.93 -3.75 -14.44
C ASP B 153 -19.09 -4.65 -14.04
N ALA B 154 -19.26 -4.90 -12.74
CA ALA B 154 -20.29 -5.84 -12.31
C ALA B 154 -21.68 -5.40 -12.74
N LEU B 155 -21.87 -4.11 -13.01
CA LEU B 155 -23.18 -3.57 -13.39
C LEU B 155 -23.23 -3.18 -14.86
N ARG B 156 -22.53 -3.92 -15.71
CA ARG B 156 -22.48 -3.58 -17.13
C ARG B 156 -23.70 -4.05 -17.91
N ASP B 157 -24.59 -4.82 -17.28
CA ASP B 157 -25.79 -5.28 -17.97
C ASP B 157 -27.05 -5.10 -17.12
N MET B 158 -27.02 -4.21 -16.13
CA MET B 158 -28.15 -4.02 -15.23
C MET B 158 -28.91 -2.78 -15.67
N GLY B 159 -29.78 -2.97 -16.67
CA GLY B 159 -30.76 -1.94 -17.01
C GLY B 159 -30.15 -0.61 -17.42
N LEU B 160 -30.75 0.46 -16.92
CA LEU B 160 -30.44 1.79 -17.42
C LEU B 160 -29.08 2.28 -16.98
N PHE B 161 -28.56 1.81 -15.84
CA PHE B 161 -27.19 2.17 -15.47
C PHE B 161 -26.21 1.64 -16.50
N GLY B 162 -26.36 0.38 -16.91
CA GLY B 162 -25.52 -0.16 -17.97
C GLY B 162 -25.74 0.54 -19.30
N GLN B 163 -26.99 0.86 -19.62
CA GLN B 163 -27.26 1.61 -20.83
C GLN B 163 -26.48 2.91 -20.86
N ASN B 164 -26.57 3.69 -19.78
CA ASN B 164 -25.83 4.93 -19.71
C ASN B 164 -24.33 4.69 -19.78
N MET B 165 -23.85 3.63 -19.12
CA MET B 165 -22.43 3.32 -19.16
C MET B 165 -21.95 3.14 -20.59
N TYR B 166 -22.71 2.41 -21.40
CA TYR B 166 -22.23 2.06 -22.73
C TYR B 166 -22.48 3.13 -23.78
N TYR B 167 -23.34 4.11 -23.51
CA TYR B 167 -23.70 5.13 -24.48
C TYR B 167 -23.22 6.53 -24.07
N HIS B 168 -22.12 6.61 -23.33
CA HIS B 168 -21.51 7.88 -23.00
C HIS B 168 -19.99 7.73 -23.08
N TYR B 169 -19.32 8.86 -23.24
CA TYR B 169 -17.86 8.86 -23.31
C TYR B 169 -17.22 8.90 -21.93
N LEU B 170 -17.80 9.68 -21.01
CA LEU B 170 -17.26 9.84 -19.67
C LEU B 170 -18.36 9.65 -18.64
N GLY B 171 -17.99 9.18 -17.45
CA GLY B 171 -18.96 8.98 -16.39
C GLY B 171 -18.28 8.81 -15.05
N ARG B 172 -19.00 9.17 -13.99
CA ARG B 172 -18.49 9.05 -12.64
C ARG B 172 -19.64 8.74 -11.69
N SER B 173 -19.32 8.07 -10.58
CA SER B 173 -20.32 7.76 -9.57
C SER B 173 -19.64 7.11 -8.37
N GLY B 174 -20.27 7.25 -7.21
CA GLY B 174 -19.94 6.45 -6.04
C GLY B 174 -20.89 5.26 -5.93
N TYR B 175 -20.65 4.43 -4.92
CA TYR B 175 -21.45 3.23 -4.74
C TYR B 175 -21.80 3.05 -3.28
N THR B 176 -22.86 2.28 -3.04
CA THR B 176 -23.21 1.79 -1.73
C THR B 176 -23.44 0.29 -1.85
N VAL B 177 -22.64 -0.49 -1.15
CA VAL B 177 -22.68 -1.95 -1.22
C VAL B 177 -23.22 -2.48 0.10
N HIS B 178 -24.22 -3.33 0.02
CA HIS B 178 -24.82 -3.98 1.19
C HIS B 178 -24.67 -5.48 1.01
N VAL B 179 -24.01 -6.13 1.95
CA VAL B 179 -23.79 -7.57 1.94
C VAL B 179 -24.60 -8.18 3.06
N GLN B 180 -25.29 -9.28 2.76
CA GLN B 180 -26.10 -9.97 3.75
C GLN B 180 -25.86 -11.46 3.67
N CYS B 181 -25.95 -12.12 4.83
CA CYS B 181 -25.78 -13.55 4.95
C CYS B 181 -26.93 -14.10 5.78
N ASN B 182 -27.60 -15.13 5.25
CA ASN B 182 -28.74 -15.75 5.93
C ASN B 182 -28.23 -16.97 6.67
N ALA B 183 -28.18 -16.90 7.99
CA ALA B 183 -27.68 -18.00 8.80
C ALA B 183 -28.52 -18.13 10.07
N SER B 184 -28.59 -19.35 10.59
CA SER B 184 -29.29 -19.64 11.81
C SER B 184 -28.37 -19.44 13.01
N LYS B 185 -28.90 -19.68 14.20
CA LYS B 185 -28.13 -19.53 15.43
C LYS B 185 -27.20 -20.70 15.70
N PHE B 186 -27.25 -21.76 14.89
CA PHE B 186 -26.40 -22.92 15.05
C PHE B 186 -25.29 -22.98 14.00
N HIS B 187 -25.08 -21.92 13.24
CA HIS B 187 -23.98 -21.80 12.30
C HIS B 187 -22.90 -20.90 12.90
N GLN B 188 -21.65 -21.16 12.52
CA GLN B 188 -20.52 -20.37 13.00
C GLN B 188 -19.54 -20.15 11.86
N GLY B 189 -18.84 -19.04 11.92
CA GLY B 189 -17.90 -18.65 10.88
C GLY B 189 -17.74 -17.14 10.86
N ALA B 190 -16.79 -16.70 10.04
CA ALA B 190 -16.51 -15.27 9.93
C ALA B 190 -16.09 -14.93 8.51
N LEU B 191 -16.60 -13.80 8.01
CA LEU B 191 -16.27 -13.31 6.68
C LEU B 191 -15.65 -11.93 6.78
N GLY B 192 -14.77 -11.63 5.84
CA GLY B 192 -14.22 -10.29 5.71
C GLY B 192 -14.51 -9.72 4.34
N VAL B 193 -14.95 -8.47 4.31
CA VAL B 193 -15.30 -7.76 3.09
C VAL B 193 -14.31 -6.61 2.94
N PHE B 194 -13.60 -6.56 1.81
CA PHE B 194 -12.58 -5.55 1.56
C PHE B 194 -12.90 -4.81 0.26
N ALA B 195 -12.70 -3.49 0.28
CA ALA B 195 -12.92 -2.61 -0.87
C ALA B 195 -11.58 -2.06 -1.33
N VAL B 196 -11.00 -2.71 -2.35
CA VAL B 196 -9.67 -2.36 -2.83
C VAL B 196 -9.80 -1.31 -3.93
N PRO B 197 -9.17 -0.15 -3.81
CA PRO B 197 -9.15 0.79 -4.93
C PRO B 197 -8.08 0.39 -5.95
N GLU B 198 -8.44 0.42 -7.22
CA GLU B 198 -7.55 0.00 -8.31
C GLU B 198 -7.03 -1.41 -8.05
N MET B 199 -7.97 -2.34 -7.88
CA MET B 199 -7.63 -3.69 -7.47
C MET B 199 -7.01 -4.48 -8.62
N CYS B 200 -5.77 -4.15 -8.98
CA CYS B 200 -5.05 -4.93 -9.98
C CYS B 200 -4.72 -6.31 -9.44
N LEU B 201 -5.41 -7.33 -9.94
CA LEU B 201 -5.16 -8.71 -9.52
C LEU B 201 -4.13 -9.34 -10.45
N ALA B 202 -3.79 -10.59 -10.15
CA ALA B 202 -2.87 -11.37 -10.95
C ALA B 202 -2.97 -12.82 -10.52
N GLY B 203 -2.81 -13.73 -11.48
CA GLY B 203 -2.94 -15.14 -11.20
C GLY B 203 -1.62 -15.78 -10.82
N ASP B 204 -1.17 -16.73 -11.63
CA ASP B 204 0.13 -17.38 -11.40
C ASP B 204 0.88 -17.55 -12.72
N SER B 205 0.68 -16.64 -13.66
CA SER B 205 1.38 -16.69 -14.94
C SER B 205 2.87 -16.47 -14.74
N THR B 212 -2.29 -10.62 -18.13
CA THR B 212 -3.71 -10.93 -18.17
C THR B 212 -4.38 -10.30 -19.38
N SER B 213 -5.60 -10.72 -19.67
CA SER B 213 -6.38 -10.21 -20.78
C SER B 213 -7.61 -9.48 -20.23
N TYR B 214 -8.32 -8.80 -21.13
CA TYR B 214 -9.56 -8.13 -20.75
C TYR B 214 -10.63 -9.11 -20.31
N GLN B 215 -10.54 -10.38 -20.74
CA GLN B 215 -11.54 -11.37 -20.36
C GLN B 215 -11.37 -11.80 -18.90
N ASN B 216 -10.14 -11.77 -18.39
CA ASN B 216 -9.90 -12.22 -17.02
C ASN B 216 -10.26 -11.13 -16.01
N ALA B 217 -9.81 -9.90 -16.24
CA ALA B 217 -10.03 -8.84 -15.29
C ALA B 217 -11.49 -8.39 -15.21
N ASN B 218 -12.34 -8.81 -16.14
CA ASN B 218 -13.75 -8.41 -16.17
C ASN B 218 -14.62 -9.66 -16.27
N PRO B 219 -14.90 -10.32 -15.14
CA PRO B 219 -15.76 -11.50 -15.17
C PRO B 219 -17.25 -11.19 -15.17
N GLY B 220 -17.64 -9.94 -14.97
CA GLY B 220 -19.05 -9.57 -14.95
C GLY B 220 -19.69 -9.79 -13.59
N GLU B 221 -21.01 -9.77 -13.59
CA GLU B 221 -21.76 -9.97 -12.36
C GLU B 221 -21.55 -11.35 -11.78
N LYS B 222 -21.14 -12.32 -12.60
CA LYS B 222 -20.84 -13.65 -12.07
C LYS B 222 -19.70 -13.61 -11.07
N GLY B 223 -18.77 -12.67 -11.24
CA GLY B 223 -17.66 -12.56 -10.33
C GLY B 223 -16.64 -13.66 -10.55
N GLY B 224 -15.63 -13.67 -9.68
CA GLY B 224 -14.60 -14.68 -9.69
C GLY B 224 -14.37 -15.24 -8.31
N THR B 225 -13.56 -16.30 -8.25
CA THR B 225 -13.29 -17.00 -7.00
C THR B 225 -11.79 -17.10 -6.78
N PHE B 226 -11.35 -16.75 -5.58
CA PHE B 226 -9.97 -16.97 -5.18
C PHE B 226 -9.69 -18.47 -5.11
N THR B 227 -8.45 -18.82 -4.79
CA THR B 227 -8.08 -20.22 -4.63
C THR B 227 -6.88 -20.32 -3.71
N GLY B 228 -6.69 -21.51 -3.15
CA GLY B 228 -5.58 -21.79 -2.27
C GLY B 228 -4.37 -22.32 -3.01
N THR B 229 -3.55 -23.10 -2.31
CA THR B 229 -2.38 -23.71 -2.91
C THR B 229 -2.78 -24.60 -4.09
N ARG B 242 -7.61 -20.93 -16.60
CA ARG B 242 -8.44 -19.98 -15.85
C ARG B 242 -7.58 -18.91 -15.19
N PHE B 243 -8.24 -18.04 -14.42
CA PHE B 243 -7.60 -16.93 -13.73
C PHE B 243 -8.12 -16.91 -12.31
N CYS B 244 -7.26 -17.27 -11.35
CA CYS B 244 -7.65 -17.38 -9.94
C CYS B 244 -6.47 -16.93 -9.08
N PRO B 245 -6.50 -15.69 -8.58
CA PRO B 245 -5.42 -15.24 -7.69
C PRO B 245 -5.32 -16.11 -6.44
N VAL B 246 -4.33 -15.81 -5.61
CA VAL B 246 -4.07 -16.56 -4.39
C VAL B 246 -4.72 -15.83 -3.22
N ASP B 247 -5.46 -16.58 -2.40
CA ASP B 247 -6.27 -15.98 -1.36
C ASP B 247 -5.40 -15.30 -0.30
N TYR B 248 -4.37 -16.00 0.19
CA TYR B 248 -3.58 -15.45 1.28
C TYR B 248 -2.68 -14.31 0.84
N LEU B 249 -2.51 -14.09 -0.46
CA LEU B 249 -1.79 -12.95 -0.98
C LEU B 249 -2.71 -11.88 -1.54
N LEU B 250 -4.03 -12.12 -1.55
CA LEU B 250 -5.00 -11.19 -2.10
C LEU B 250 -4.82 -10.98 -3.59
N GLY B 251 -4.06 -11.86 -4.24
CA GLY B 251 -3.90 -11.82 -5.68
C GLY B 251 -2.90 -10.81 -6.19
N ASN B 252 -2.26 -10.04 -5.32
CA ASN B 252 -1.34 -8.99 -5.74
C ASN B 252 0.01 -9.08 -5.02
N GLY B 253 0.29 -10.19 -4.36
CA GLY B 253 1.59 -10.42 -3.76
C GLY B 253 1.74 -9.95 -2.32
N THR B 254 0.73 -9.28 -1.77
CA THR B 254 0.80 -8.77 -0.41
C THR B 254 0.01 -9.67 0.53
N LEU B 255 0.51 -9.82 1.76
CA LEU B 255 -0.08 -10.75 2.70
C LEU B 255 -1.51 -10.37 3.03
N LEU B 256 -2.31 -11.39 3.36
CA LEU B 256 -3.72 -11.17 3.66
C LEU B 256 -3.89 -10.41 4.97
N GLY B 257 -3.04 -10.67 5.96
CA GLY B 257 -3.20 -10.03 7.25
C GLY B 257 -3.19 -8.51 7.16
N ASN B 258 -2.30 -7.96 6.35
CA ASN B 258 -2.21 -6.52 6.17
C ASN B 258 -3.41 -5.95 5.41
N ALA B 259 -4.20 -6.79 4.76
CA ALA B 259 -5.32 -6.36 3.93
C ALA B 259 -6.24 -5.40 4.65
N PHE B 260 -6.15 -5.31 5.97
CA PHE B 260 -7.05 -4.44 6.71
C PHE B 260 -6.69 -2.97 6.58
N VAL B 261 -5.65 -2.62 5.82
CA VAL B 261 -5.43 -1.21 5.50
C VAL B 261 -6.54 -0.70 4.60
N PHE B 262 -7.04 -1.54 3.70
CA PHE B 262 -8.13 -1.16 2.82
C PHE B 262 -9.41 -0.96 3.64
N PRO B 263 -10.36 -0.18 3.13
CA PRO B 263 -11.68 -0.14 3.76
C PRO B 263 -12.25 -1.55 3.84
N HIS B 264 -12.80 -1.89 5.00
CA HIS B 264 -13.14 -3.28 5.27
C HIS B 264 -14.25 -3.35 6.28
N GLN B 265 -14.82 -4.54 6.41
CA GLN B 265 -15.76 -4.84 7.48
C GLN B 265 -15.74 -6.34 7.74
N ILE B 266 -16.18 -6.73 8.93
CA ILE B 266 -16.15 -8.11 9.38
C ILE B 266 -17.56 -8.54 9.72
N ILE B 267 -17.96 -9.69 9.20
CA ILE B 267 -19.26 -10.29 9.49
C ILE B 267 -19.01 -11.54 10.30
N ASN B 268 -19.29 -11.48 11.59
CA ASN B 268 -19.17 -12.62 12.49
C ASN B 268 -20.57 -13.15 12.77
N LEU B 269 -20.82 -14.41 12.41
CA LEU B 269 -22.17 -14.92 12.41
C LEU B 269 -22.82 -14.85 13.78
N ARG B 270 -22.03 -14.85 14.86
CA ARG B 270 -22.58 -14.82 16.20
C ARG B 270 -22.81 -13.40 16.72
N THR B 271 -22.44 -12.37 15.95
CA THR B 271 -22.68 -10.99 16.36
C THR B 271 -23.58 -10.25 15.39
N ASN B 272 -23.26 -10.27 14.10
CA ASN B 272 -24.10 -9.64 13.09
C ASN B 272 -23.88 -10.37 11.77
N ASN B 273 -24.83 -10.18 10.86
CA ASN B 273 -24.79 -10.88 9.57
C ASN B 273 -25.02 -9.94 8.40
N CYS B 274 -24.75 -8.64 8.58
CA CYS B 274 -24.91 -7.66 7.52
C CYS B 274 -23.75 -6.69 7.56
N ALA B 275 -23.34 -6.20 6.39
CA ALA B 275 -22.27 -5.23 6.28
C ALA B 275 -22.64 -4.20 5.21
N THR B 276 -22.15 -2.98 5.38
CA THR B 276 -22.45 -1.89 4.46
C THR B 276 -21.22 -1.04 4.26
N LEU B 277 -20.88 -0.77 3.00
CA LEU B 277 -19.75 0.07 2.62
C LEU B 277 -20.25 1.19 1.71
N VAL B 278 -19.88 2.42 2.02
CA VAL B 278 -20.22 3.58 1.21
C VAL B 278 -18.93 4.04 0.54
N LEU B 279 -18.78 3.73 -0.75
CA LEU B 279 -17.55 3.98 -1.48
C LEU B 279 -17.69 5.28 -2.25
N PRO B 280 -16.86 6.29 -2.00
CA PRO B 280 -16.84 7.48 -2.85
C PRO B 280 -16.04 7.20 -4.13
N TYR B 281 -15.99 8.21 -5.00
CA TYR B 281 -15.31 8.07 -6.27
C TYR B 281 -13.82 8.32 -6.08
N VAL B 282 -13.00 7.35 -6.46
CA VAL B 282 -11.55 7.41 -6.32
C VAL B 282 -10.94 7.23 -7.70
N ASN B 283 -10.11 8.19 -8.11
CA ASN B 283 -9.41 8.12 -9.38
C ASN B 283 -8.48 9.32 -9.45
N SER B 284 -7.39 9.16 -10.22
CA SER B 284 -6.46 10.26 -10.39
C SER B 284 -7.04 11.37 -11.25
N LEU B 285 -7.97 11.04 -12.15
CA LEU B 285 -8.67 12.02 -12.97
C LEU B 285 -10.01 12.36 -12.36
N SER B 286 -10.49 13.57 -12.63
CA SER B 286 -11.77 14.00 -12.10
C SER B 286 -12.94 13.28 -12.74
N ILE B 287 -12.73 12.62 -13.88
CA ILE B 287 -13.76 11.85 -14.56
C ILE B 287 -13.07 10.99 -15.60
N ASP B 288 -13.61 9.81 -15.89
CA ASP B 288 -12.91 8.87 -16.75
C ASP B 288 -13.90 7.95 -17.45
N SER B 289 -13.42 7.27 -18.48
CA SER B 289 -14.24 6.35 -19.25
C SER B 289 -14.50 5.08 -18.44
N MET B 290 -15.79 4.79 -18.19
CA MET B 290 -16.14 3.64 -17.37
C MET B 290 -15.89 2.32 -18.09
N VAL B 291 -16.03 2.29 -19.42
CA VAL B 291 -15.97 1.02 -20.14
C VAL B 291 -14.58 0.40 -20.08
N LYS B 292 -13.54 1.18 -19.83
CA LYS B 292 -12.18 0.68 -19.85
C LYS B 292 -11.52 0.57 -18.48
N HIS B 293 -12.04 1.28 -17.48
CA HIS B 293 -11.36 1.43 -16.20
C HIS B 293 -12.29 1.02 -15.07
N ASN B 294 -11.80 0.17 -14.18
CA ASN B 294 -12.55 -0.29 -13.02
C ASN B 294 -12.06 0.47 -11.78
N ASN B 295 -12.95 1.27 -11.20
CA ASN B 295 -12.56 2.07 -10.05
C ASN B 295 -12.27 1.21 -8.83
N TRP B 296 -13.18 0.29 -8.50
CA TRP B 296 -13.11 -0.44 -7.24
C TRP B 296 -13.14 -1.94 -7.49
N GLY B 297 -12.66 -2.68 -6.51
CA GLY B 297 -12.85 -4.13 -6.47
C GLY B 297 -13.34 -4.53 -5.10
N ILE B 298 -14.23 -5.50 -5.07
CA ILE B 298 -14.83 -5.99 -3.82
C ILE B 298 -14.41 -7.43 -3.64
N ALA B 299 -13.82 -7.74 -2.49
CA ALA B 299 -13.37 -9.09 -2.18
C ALA B 299 -14.03 -9.57 -0.90
N ILE B 300 -14.44 -10.83 -0.89
CA ILE B 300 -15.06 -11.47 0.28
C ILE B 300 -14.28 -12.74 0.56
N LEU B 301 -13.73 -12.84 1.76
CA LEU B 301 -12.85 -13.95 2.13
C LEU B 301 -13.29 -14.54 3.46
N PRO B 302 -13.39 -15.88 3.58
CA PRO B 302 -13.72 -16.49 4.87
C PRO B 302 -12.53 -16.52 5.80
N LEU B 303 -12.59 -15.73 6.87
CA LEU B 303 -11.51 -15.70 7.84
C LEU B 303 -11.53 -16.94 8.71
N ALA B 304 -12.70 -17.37 9.14
CA ALA B 304 -12.87 -18.62 9.88
C ALA B 304 -13.88 -19.50 9.16
N PRO B 305 -13.55 -20.75 8.88
CA PRO B 305 -14.43 -21.56 8.01
C PRO B 305 -15.81 -21.73 8.60
N LEU B 306 -16.70 -22.31 7.78
CA LEU B 306 -18.09 -22.50 8.16
C LEU B 306 -18.25 -23.84 8.87
N ASN B 307 -19.01 -23.83 9.97
CA ASN B 307 -19.37 -25.05 10.67
C ASN B 307 -20.75 -24.88 11.26
N PHE B 308 -21.41 -26.01 11.52
CA PHE B 308 -22.80 -26.00 11.91
C PHE B 308 -23.13 -27.27 12.68
N ALA B 309 -24.27 -27.24 13.36
CA ALA B 309 -24.76 -28.42 14.06
C ALA B 309 -25.26 -29.47 13.07
N SER B 310 -25.23 -30.72 13.49
CA SER B 310 -25.56 -31.83 12.59
C SER B 310 -26.96 -31.66 12.01
N GLU B 311 -27.11 -32.05 10.76
CA GLU B 311 -28.37 -32.11 10.03
C GLU B 311 -28.91 -30.74 9.65
N SER B 312 -28.11 -29.68 9.79
CA SER B 312 -28.54 -28.33 9.41
C SER B 312 -28.32 -28.12 7.92
N SER B 313 -28.46 -26.89 7.46
CA SER B 313 -28.24 -26.57 6.06
C SER B 313 -26.74 -26.55 5.79
N PRO B 314 -26.22 -27.37 4.88
CA PRO B 314 -24.77 -27.48 4.72
C PRO B 314 -24.12 -26.37 3.91
N GLU B 315 -24.85 -25.31 3.57
CA GLU B 315 -24.30 -24.22 2.78
C GLU B 315 -25.24 -23.02 2.81
N ILE B 316 -24.73 -21.85 3.19
CA ILE B 316 -25.62 -20.71 3.41
C ILE B 316 -25.43 -19.67 2.31
N PRO B 317 -26.43 -18.86 2.00
CA PRO B 317 -26.33 -17.91 0.90
C PRO B 317 -25.87 -16.52 1.31
N ILE B 318 -25.09 -15.91 0.41
CA ILE B 318 -24.56 -14.57 0.59
C ILE B 318 -25.06 -13.72 -0.57
N THR B 319 -25.61 -12.54 -0.25
CA THR B 319 -26.27 -11.69 -1.23
C THR B 319 -25.63 -10.30 -1.23
N LEU B 320 -25.42 -9.76 -2.42
CA LEU B 320 -24.88 -8.41 -2.62
C LEU B 320 -25.94 -7.51 -3.22
N THR B 321 -25.97 -6.26 -2.78
CA THR B 321 -26.91 -5.26 -3.29
C THR B 321 -26.14 -3.97 -3.47
N ILE B 322 -26.05 -3.50 -4.71
CA ILE B 322 -25.23 -2.35 -5.08
C ILE B 322 -26.15 -1.24 -5.55
N ALA B 323 -25.91 -0.04 -5.05
CA ALA B 323 -26.67 1.15 -5.45
C ALA B 323 -25.72 2.26 -5.86
N PRO B 324 -25.71 2.66 -7.13
CA PRO B 324 -24.91 3.83 -7.51
C PRO B 324 -25.43 5.10 -6.86
N MET B 325 -24.52 6.04 -6.64
CA MET B 325 -24.85 7.30 -6.00
C MET B 325 -24.15 8.45 -6.73
N CYS B 326 -24.87 9.55 -6.89
CA CYS B 326 -24.31 10.76 -7.48
C CYS B 326 -23.65 10.47 -8.83
N CYS B 327 -24.36 9.71 -9.66
CA CYS B 327 -23.86 9.39 -10.99
C CYS B 327 -23.95 10.62 -11.89
N GLU B 328 -23.09 10.67 -12.91
CA GLU B 328 -23.26 11.65 -13.97
C GLU B 328 -22.36 11.28 -15.13
N PHE B 329 -22.89 11.46 -16.35
CA PHE B 329 -22.22 11.06 -17.57
C PHE B 329 -22.20 12.23 -18.56
N ASN B 330 -21.23 12.19 -19.47
CA ASN B 330 -21.09 13.20 -20.52
C ASN B 330 -20.64 12.52 -21.81
N GLY B 331 -21.02 13.13 -22.93
CA GLY B 331 -20.65 12.63 -24.25
C GLY B 331 -21.60 11.59 -24.80
N LEU B 332 -22.88 11.91 -24.86
CA LEU B 332 -23.93 10.94 -25.18
C LEU B 332 -23.92 10.62 -26.67
N ARG B 333 -23.77 9.35 -26.99
CA ARG B 333 -23.85 8.87 -28.37
C ARG B 333 -25.27 8.42 -28.69
N ASN B 334 -25.48 8.02 -29.94
CA ASN B 334 -26.79 7.54 -30.36
C ASN B 334 -26.98 6.08 -29.94
N ILE B 335 -28.22 5.62 -30.06
CA ILE B 335 -28.57 4.24 -29.70
C ILE B 335 -28.53 4.09 -28.19
N GLY C 1 34.58 43.42 -6.60
CA GLY C 1 33.23 43.81 -6.12
C GLY C 1 33.12 43.73 -4.61
N LEU C 2 32.47 42.69 -4.12
CA LEU C 2 32.36 42.43 -2.69
C LEU C 2 33.42 41.44 -2.26
N PRO C 3 34.23 41.74 -1.25
CA PRO C 3 35.21 40.75 -0.78
C PRO C 3 34.52 39.56 -0.12
N VAL C 4 35.02 38.37 -0.41
CA VAL C 4 34.45 37.14 0.12
C VAL C 4 35.57 36.15 0.41
N MET C 5 35.31 35.24 1.36
CA MET C 5 36.28 34.22 1.76
C MET C 5 35.60 32.87 1.75
N ASN C 6 36.27 31.88 1.16
CA ASN C 6 35.69 30.55 0.98
C ASN C 6 36.01 29.67 2.17
N THR C 7 34.97 29.26 2.89
CA THR C 7 35.12 28.43 4.06
C THR C 7 35.31 26.97 3.68
N PRO C 8 35.78 26.13 4.61
CA PRO C 8 35.82 24.70 4.33
C PRO C 8 34.43 24.13 4.12
N GLY C 9 34.34 23.15 3.23
CA GLY C 9 33.06 22.57 2.88
C GLY C 9 32.42 23.20 1.67
N SER C 10 33.19 23.66 0.71
CA SER C 10 32.68 24.26 -0.51
C SER C 10 33.08 23.41 -1.71
N ASN C 11 32.21 23.39 -2.72
CA ASN C 11 32.37 22.53 -3.89
C ASN C 11 32.33 21.06 -3.51
N GLN C 12 31.52 20.72 -2.50
CA GLN C 12 31.30 19.34 -2.11
C GLN C 12 29.83 19.01 -2.24
N TYR C 13 29.53 17.74 -2.47
CA TYR C 13 28.15 17.26 -2.58
C TYR C 13 27.85 16.41 -1.35
N LEU C 14 26.97 16.92 -0.49
CA LEU C 14 26.45 16.16 0.64
C LEU C 14 25.04 15.69 0.30
N THR C 15 24.84 14.38 0.31
CA THR C 15 23.56 13.82 -0.14
C THR C 15 22.43 14.13 0.80
N ALA C 16 22.63 14.92 1.85
CA ALA C 16 21.58 15.26 2.81
C ALA C 16 21.36 16.77 2.92
N ASP C 17 21.78 17.54 1.92
CA ASP C 17 21.67 18.99 1.96
C ASP C 17 20.37 19.46 1.36
N ASN C 18 20.00 20.70 1.70
CA ASN C 18 18.72 21.28 1.31
C ASN C 18 18.98 22.67 0.71
N PHE C 19 19.33 22.69 -0.57
CA PHE C 19 19.68 23.92 -1.26
C PHE C 19 18.76 24.15 -2.45
N GLN C 20 18.50 25.42 -2.75
CA GLN C 20 17.76 25.76 -3.96
C GLN C 20 18.57 25.40 -5.19
N SER C 21 17.90 24.89 -6.21
CA SER C 21 18.50 24.43 -7.44
C SER C 21 17.86 25.11 -8.63
N PRO C 22 18.54 25.16 -9.77
CA PRO C 22 17.97 25.81 -10.96
C PRO C 22 16.94 24.91 -11.63
N CYS C 23 15.79 25.48 -11.97
CA CYS C 23 14.74 24.73 -12.64
C CYS C 23 15.10 24.48 -14.09
N ALA C 24 14.78 23.29 -14.59
CA ALA C 24 15.11 22.91 -15.95
C ALA C 24 14.02 23.21 -16.96
N LEU C 25 12.77 23.26 -16.51
CA LEU C 25 11.62 23.53 -17.39
C LEU C 25 10.84 24.69 -16.81
N PRO C 26 11.41 25.89 -16.82
CA PRO C 26 10.64 27.06 -16.41
C PRO C 26 9.49 27.31 -17.36
N GLU C 27 8.69 28.34 -17.13
CA GLU C 27 7.60 28.71 -18.04
C GLU C 27 6.80 27.48 -18.45
N PHE C 28 6.55 26.60 -17.49
CA PHE C 28 5.78 25.39 -17.69
C PHE C 28 4.70 25.34 -16.63
N ASP C 29 3.47 25.02 -17.04
CA ASP C 29 2.33 25.00 -16.16
C ASP C 29 1.99 23.56 -15.81
N VAL C 30 1.94 23.25 -14.51
CA VAL C 30 1.74 21.89 -14.04
C VAL C 30 0.26 21.62 -13.87
N THR C 31 -0.13 20.37 -14.06
CA THR C 31 -1.50 19.96 -13.87
C THR C 31 -1.88 20.13 -12.41
N PRO C 32 -2.91 20.92 -12.09
CA PRO C 32 -3.21 21.17 -10.69
C PRO C 32 -3.68 19.90 -10.01
N PRO C 33 -3.45 19.75 -8.70
CA PRO C 33 -3.91 18.57 -8.00
C PRO C 33 -5.41 18.64 -7.68
N ILE C 34 -6.02 17.46 -7.61
CA ILE C 34 -7.43 17.33 -7.30
C ILE C 34 -7.59 16.76 -5.90
N ASP C 35 -8.82 16.79 -5.40
CA ASP C 35 -9.11 16.36 -4.02
C ASP C 35 -9.40 14.86 -4.00
N ILE C 36 -8.33 14.08 -4.13
CA ILE C 36 -8.46 12.62 -4.00
C ILE C 36 -8.73 12.29 -2.54
N PRO C 37 -9.55 11.27 -2.23
CA PRO C 37 -10.02 11.11 -0.85
C PRO C 37 -8.94 10.77 0.19
N GLY C 38 -8.23 9.67 0.02
CA GLY C 38 -7.43 9.13 1.13
C GLY C 38 -6.00 9.61 1.21
N GLU C 39 -5.75 10.69 1.96
CA GLU C 39 -4.44 11.33 2.01
C GLU C 39 -3.69 10.93 3.27
N VAL C 40 -2.46 10.44 3.10
CA VAL C 40 -1.61 10.03 4.20
C VAL C 40 -0.54 11.09 4.40
N LYS C 41 -0.45 11.62 5.62
CA LYS C 41 0.50 12.67 5.93
C LYS C 41 1.60 12.23 6.89
N ASN C 42 1.50 11.04 7.47
CA ASN C 42 2.53 10.52 8.33
C ASN C 42 2.45 9.00 8.32
N MET C 43 3.61 8.36 8.43
CA MET C 43 3.67 6.90 8.39
C MET C 43 3.24 6.25 9.69
N MET C 44 3.06 7.01 10.76
CA MET C 44 2.50 6.46 11.99
C MET C 44 1.00 6.25 11.85
N GLU C 45 0.34 7.04 11.02
CA GLU C 45 -1.07 6.83 10.74
C GLU C 45 -1.34 5.45 10.15
N LEU C 46 -0.32 4.81 9.57
CA LEU C 46 -0.47 3.45 9.07
C LEU C 46 -0.21 2.40 10.13
N ALA C 47 0.53 2.73 11.18
CA ALA C 47 0.77 1.78 12.25
C ALA C 47 -0.43 1.62 13.17
N GLU C 48 -1.35 2.59 13.16
CA GLU C 48 -2.56 2.54 13.97
C GLU C 48 -3.69 1.78 13.29
N ILE C 49 -3.37 0.82 12.43
CA ILE C 49 -4.36 0.01 11.73
C ILE C 49 -4.20 -1.42 12.21
N ASP C 50 -5.28 -1.98 12.76
CA ASP C 50 -5.23 -3.35 13.26
C ASP C 50 -5.03 -4.33 12.13
N THR C 51 -4.11 -5.27 12.31
CA THR C 51 -3.86 -6.30 11.32
C THR C 51 -3.67 -7.64 12.02
N MET C 52 -4.09 -8.70 11.35
CA MET C 52 -4.11 -10.02 11.97
C MET C 52 -2.70 -10.51 12.26
N ILE C 53 -2.54 -11.17 13.39
CA ILE C 53 -1.25 -11.69 13.84
C ILE C 53 -1.14 -13.13 13.35
N PRO C 54 -0.15 -13.49 12.55
CA PRO C 54 0.02 -14.90 12.19
C PRO C 54 0.53 -15.72 13.36
N PHE C 55 -0.33 -16.55 13.94
CA PHE C 55 0.02 -17.28 15.15
C PHE C 55 0.74 -18.59 14.90
N ASP C 56 0.65 -19.14 13.69
CA ASP C 56 1.25 -20.43 13.37
C ASP C 56 2.09 -20.29 12.11
N LEU C 57 3.34 -19.89 12.29
CA LEU C 57 4.31 -19.87 11.20
C LEU C 57 5.02 -21.21 11.04
N SER C 58 4.49 -22.26 11.63
CA SER C 58 5.06 -23.60 11.45
C SER C 58 5.02 -23.98 9.97
N ALA C 59 6.06 -24.70 9.53
CA ALA C 59 6.18 -25.03 8.12
C ALA C 59 4.92 -25.69 7.58
N THR C 60 4.26 -26.50 8.40
CA THR C 60 3.01 -27.14 8.00
C THR C 60 1.97 -26.09 7.60
N LYS C 61 1.62 -25.22 8.54
CA LYS C 61 0.62 -24.17 8.29
C LYS C 61 1.31 -22.82 8.10
N LYS C 62 2.16 -22.75 7.08
CA LYS C 62 2.92 -21.54 6.78
C LYS C 62 2.49 -20.98 5.44
N ASN C 63 2.25 -19.67 5.40
CA ASN C 63 1.81 -18.99 4.19
C ASN C 63 0.54 -19.64 3.63
N THR C 64 -0.48 -19.71 4.48
CA THR C 64 -1.80 -20.20 4.11
C THR C 64 -2.83 -19.44 4.94
N MET C 65 -4.06 -19.95 4.96
CA MET C 65 -5.11 -19.35 5.76
C MET C 65 -5.15 -19.88 7.19
N GLU C 66 -4.49 -21.00 7.46
CA GLU C 66 -4.57 -21.61 8.79
C GLU C 66 -3.66 -20.93 9.81
N MET C 67 -2.73 -20.09 9.38
CA MET C 67 -1.75 -19.53 10.30
C MET C 67 -2.28 -18.33 11.07
N TYR C 68 -3.48 -17.85 10.79
CA TYR C 68 -4.06 -16.73 11.51
C TYR C 68 -5.07 -17.17 12.57
N ARG C 69 -5.33 -18.46 12.70
CA ARG C 69 -6.37 -18.96 13.59
C ARG C 69 -5.75 -19.71 14.75
N VAL C 70 -6.34 -19.55 15.93
CA VAL C 70 -5.98 -20.35 17.10
C VAL C 70 -7.18 -21.22 17.42
N ARG C 71 -6.97 -22.53 17.46
CA ARG C 71 -8.05 -23.49 17.61
C ARG C 71 -8.26 -23.83 19.08
N LEU C 72 -9.51 -23.78 19.53
CA LEU C 72 -9.91 -24.22 20.86
C LEU C 72 -10.70 -25.51 20.70
N SER C 73 -10.09 -26.62 21.11
CA SER C 73 -10.69 -27.93 20.94
C SER C 73 -11.34 -28.38 22.25
N ASP C 74 -11.86 -29.61 22.26
CA ASP C 74 -12.54 -30.16 23.42
C ASP C 74 -11.63 -31.02 24.29
N LYS C 75 -10.41 -31.30 23.85
CA LYS C 75 -9.53 -32.17 24.61
C LYS C 75 -9.15 -31.52 25.94
N PRO C 76 -8.86 -32.32 26.97
CA PRO C 76 -8.44 -31.74 28.24
C PRO C 76 -7.16 -30.94 28.11
N HIS C 77 -7.06 -29.89 28.90
CA HIS C 77 -5.89 -29.02 28.92
C HIS C 77 -5.00 -29.37 30.11
N THR C 78 -3.77 -28.87 30.05
CA THR C 78 -2.75 -29.16 31.07
C THR C 78 -2.37 -27.90 31.84
N ASP C 79 -3.28 -26.95 31.96
CA ASP C 79 -3.05 -25.70 32.67
C ASP C 79 -1.96 -24.86 32.02
N ASP C 80 -1.62 -25.16 30.75
CA ASP C 80 -0.69 -24.35 29.99
C ASP C 80 -1.43 -23.37 29.11
N PRO C 81 -0.82 -22.24 28.77
CA PRO C 81 -1.56 -21.20 28.04
C PRO C 81 -1.98 -21.65 26.65
N ILE C 82 -3.12 -21.12 26.21
CA ILE C 82 -3.55 -21.32 24.83
C ILE C 82 -2.54 -20.73 23.86
N LEU C 83 -2.12 -19.50 24.13
CA LEU C 83 -1.11 -18.83 23.33
C LEU C 83 -0.37 -17.85 24.22
N CYS C 84 0.95 -17.78 24.02
CA CYS C 84 1.82 -16.83 24.70
C CYS C 84 2.62 -16.07 23.65
N LEU C 85 2.52 -14.75 23.68
CA LEU C 85 3.11 -13.89 22.66
C LEU C 85 4.04 -12.88 23.31
N SER C 86 5.27 -12.81 22.81
CA SER C 86 6.26 -11.85 23.28
C SER C 86 5.93 -10.45 22.77
N LEU C 87 6.52 -9.45 23.41
CA LEU C 87 6.24 -8.06 23.11
C LEU C 87 7.43 -7.38 22.44
N SER C 88 8.11 -8.09 21.55
CA SER C 88 9.12 -7.50 20.68
C SER C 88 8.48 -7.16 19.35
N PRO C 89 8.02 -5.93 19.13
CA PRO C 89 7.28 -5.64 17.90
C PRO C 89 8.10 -5.81 16.63
N ALA C 90 9.43 -5.86 16.72
CA ALA C 90 10.28 -6.03 15.55
C ALA C 90 11.33 -7.12 15.77
N SER C 91 11.12 -8.00 16.74
CA SER C 91 12.07 -9.08 17.00
C SER C 91 11.36 -10.40 17.26
N ASP C 92 10.05 -10.46 17.07
CA ASP C 92 9.27 -11.69 17.21
C ASP C 92 8.81 -12.14 15.84
N PRO C 93 9.14 -13.35 15.37
CA PRO C 93 8.73 -13.73 14.01
C PRO C 93 7.24 -13.67 13.78
N ARG C 94 6.43 -13.84 14.82
CA ARG C 94 4.99 -13.84 14.69
C ARG C 94 4.39 -12.45 14.77
N LEU C 95 5.21 -11.42 14.91
CA LEU C 95 4.71 -10.06 15.07
C LEU C 95 5.46 -9.05 14.21
N SER C 96 6.46 -9.48 13.46
CA SER C 96 7.26 -8.57 12.65
C SER C 96 6.70 -8.35 11.25
N HIS C 97 5.80 -9.22 10.79
CA HIS C 97 5.24 -9.13 9.46
C HIS C 97 3.93 -8.36 9.42
N THR C 98 3.48 -7.82 10.54
CA THR C 98 2.29 -6.98 10.53
C THR C 98 2.65 -5.61 9.98
N MET C 99 1.65 -4.74 9.84
CA MET C 99 1.93 -3.38 9.39
C MET C 99 2.84 -2.66 10.36
N LEU C 100 2.58 -2.84 11.66
CA LEU C 100 3.44 -2.24 12.67
C LEU C 100 4.87 -2.74 12.54
N GLY C 101 5.05 -4.04 12.34
CA GLY C 101 6.39 -4.58 12.17
C GLY C 101 7.10 -4.01 10.96
N GLU C 102 6.38 -3.86 9.85
CA GLU C 102 7.00 -3.36 8.63
C GLU C 102 7.27 -1.87 8.67
N ILE C 103 6.54 -1.12 9.50
CA ILE C 103 6.91 0.28 9.68
C ILE C 103 8.07 0.42 10.66
N LEU C 104 8.18 -0.49 11.63
CA LEU C 104 9.29 -0.47 12.55
C LEU C 104 10.58 -0.95 11.91
N ASN C 105 10.48 -1.79 10.88
CA ASN C 105 11.67 -2.29 10.21
C ASN C 105 12.42 -1.21 9.43
N TYR C 106 11.84 -0.03 9.27
CA TYR C 106 12.48 1.07 8.57
C TYR C 106 13.11 2.09 9.51
N TYR C 107 13.19 1.79 10.81
CA TYR C 107 13.72 2.75 11.77
C TYR C 107 14.55 1.99 12.79
N THR C 108 15.12 2.74 13.74
CA THR C 108 16.03 2.18 14.72
C THR C 108 15.53 2.31 16.15
N HIS C 109 14.92 3.43 16.52
CA HIS C 109 14.40 3.62 17.86
C HIS C 109 12.88 3.74 17.81
N TRP C 110 12.21 3.09 18.75
CA TRP C 110 10.75 3.11 18.84
C TRP C 110 10.33 3.30 20.27
N ALA C 111 9.12 3.82 20.46
CA ALA C 111 8.61 4.02 21.81
C ALA C 111 7.12 4.32 21.82
N GLY C 112 6.37 3.62 22.66
CA GLY C 112 4.95 3.89 22.80
C GLY C 112 4.22 2.66 23.30
N SER C 113 2.90 2.80 23.38
CA SER C 113 2.03 1.73 23.83
C SER C 113 1.56 0.87 22.66
N LEU C 114 1.05 -0.32 22.98
CA LEU C 114 0.47 -1.21 21.99
C LEU C 114 -0.93 -1.59 22.43
N LYS C 115 -1.74 -2.10 21.50
CA LYS C 115 -3.06 -2.60 21.85
C LYS C 115 -3.35 -3.86 21.06
N PHE C 116 -3.76 -4.90 21.78
CA PHE C 116 -4.13 -6.19 21.19
C PHE C 116 -5.62 -6.40 21.34
N THR C 117 -6.20 -7.10 20.36
CA THR C 117 -7.61 -7.44 20.36
C THR C 117 -7.73 -8.90 19.98
N PHE C 118 -8.57 -9.65 20.69
CA PHE C 118 -8.86 -11.03 20.36
C PHE C 118 -10.34 -11.16 20.05
N MET C 119 -10.64 -11.94 19.03
CA MET C 119 -12.01 -12.10 18.54
C MET C 119 -12.36 -13.58 18.53
N PHE C 120 -13.51 -13.92 19.10
CA PHE C 120 -13.99 -15.28 19.20
C PHE C 120 -14.96 -15.56 18.07
N CYS C 121 -14.66 -16.57 17.25
CA CYS C 121 -15.46 -16.90 16.07
C CYS C 121 -16.15 -18.25 16.23
N GLY C 122 -16.66 -18.53 17.41
CA GLY C 122 -17.40 -19.73 17.70
C GLY C 122 -18.90 -19.54 17.56
N SER C 123 -19.65 -20.48 18.11
CA SER C 123 -21.09 -20.47 17.98
C SER C 123 -21.71 -19.43 18.91
N MET C 124 -22.95 -19.07 18.60
CA MET C 124 -23.70 -18.16 19.47
C MET C 124 -24.20 -18.85 20.73
N MET C 125 -24.22 -20.18 20.75
CA MET C 125 -24.76 -20.94 21.87
C MET C 125 -23.68 -21.46 22.82
N ALA C 126 -22.42 -21.07 22.62
CA ALA C 126 -21.34 -21.51 23.48
C ALA C 126 -21.15 -20.55 24.66
N THR C 127 -20.60 -21.06 25.75
CA THR C 127 -20.36 -20.29 26.96
C THR C 127 -19.04 -20.73 27.59
N GLY C 128 -18.40 -19.80 28.27
CA GLY C 128 -17.14 -20.11 28.93
C GLY C 128 -16.41 -18.85 29.33
N LYS C 129 -15.24 -19.05 29.92
CA LYS C 129 -14.41 -17.95 30.40
C LYS C 129 -12.95 -18.20 30.03
N LEU C 130 -12.26 -17.13 29.64
CA LEU C 130 -10.84 -17.16 29.34
C LEU C 130 -10.14 -16.10 30.16
N LEU C 131 -8.85 -16.31 30.43
CA LEU C 131 -8.07 -15.40 31.25
C LEU C 131 -6.94 -14.84 30.40
N VAL C 132 -6.93 -13.52 30.21
CA VAL C 132 -5.92 -12.85 29.41
C VAL C 132 -5.02 -12.07 30.36
N SER C 133 -3.75 -12.46 30.43
CA SER C 133 -2.83 -11.93 31.42
C SER C 133 -1.63 -11.28 30.75
N TYR C 134 -1.13 -10.22 31.38
CA TYR C 134 0.01 -9.45 30.88
C TYR C 134 1.15 -9.53 31.88
N ALA C 135 2.31 -10.02 31.42
CA ALA C 135 3.49 -10.12 32.28
C ALA C 135 4.44 -8.98 31.95
N PRO C 136 4.81 -8.13 32.91
CA PRO C 136 5.59 -6.94 32.60
C PRO C 136 7.03 -7.30 32.25
N PRO C 137 7.83 -6.32 31.82
CA PRO C 137 9.21 -6.61 31.42
C PRO C 137 10.04 -7.13 32.59
N GLY C 138 10.98 -8.01 32.27
CA GLY C 138 11.86 -8.57 33.26
C GLY C 138 11.32 -9.76 34.02
N ALA C 139 10.09 -10.18 33.73
CA ALA C 139 9.48 -11.32 34.38
C ALA C 139 9.25 -12.43 33.36
N ASP C 140 9.71 -13.64 33.68
CA ASP C 140 9.51 -14.77 32.81
C ASP C 140 8.02 -15.10 32.71
N PRO C 141 7.58 -15.73 31.62
CA PRO C 141 6.15 -15.90 31.40
C PRO C 141 5.55 -16.81 32.44
N PRO C 142 4.29 -16.61 32.81
CA PRO C 142 3.63 -17.54 33.73
C PRO C 142 3.33 -18.87 33.05
N LYS C 143 3.21 -19.91 33.88
CA LYS C 143 3.01 -21.26 33.39
C LYS C 143 1.76 -21.94 33.94
N LYS C 144 1.09 -21.36 34.92
CA LYS C 144 -0.12 -21.93 35.46
C LYS C 144 -1.15 -20.82 35.64
N ARG C 145 -2.43 -21.19 35.57
CA ARG C 145 -3.48 -20.18 35.63
C ARG C 145 -3.46 -19.42 36.95
N LYS C 146 -3.09 -20.09 38.04
CA LYS C 146 -3.04 -19.40 39.33
C LYS C 146 -1.96 -18.33 39.35
N GLU C 147 -0.80 -18.62 38.76
CA GLU C 147 0.25 -17.62 38.70
C GLU C 147 -0.21 -16.40 37.91
N ALA C 148 -0.89 -16.62 36.79
CA ALA C 148 -1.37 -15.52 35.98
C ALA C 148 -2.50 -14.75 36.66
N MET C 149 -3.28 -15.44 37.49
CA MET C 149 -4.39 -14.77 38.17
C MET C 149 -3.90 -13.72 39.16
N LEU C 150 -2.73 -13.94 39.76
CA LEU C 150 -2.19 -13.02 40.75
C LEU C 150 -1.53 -11.80 40.14
N GLY C 151 -1.33 -11.78 38.83
CA GLY C 151 -0.78 -10.63 38.14
C GLY C 151 -1.86 -9.70 37.64
N THR C 152 -1.56 -9.02 36.54
CA THR C 152 -2.54 -8.17 35.87
C THR C 152 -3.21 -8.99 34.78
N HIS C 153 -4.53 -9.10 34.85
CA HIS C 153 -5.27 -9.99 33.98
C HIS C 153 -6.70 -9.48 33.86
N VAL C 154 -7.40 -10.01 32.87
CA VAL C 154 -8.83 -9.75 32.68
C VAL C 154 -9.51 -11.07 32.34
N ILE C 155 -10.69 -11.28 32.89
CA ILE C 155 -11.50 -12.44 32.58
C ILE C 155 -12.46 -12.07 31.46
N TRP C 156 -12.28 -12.72 30.32
CA TRP C 156 -13.10 -12.50 29.14
C TRP C 156 -14.18 -13.59 29.10
N ASP C 157 -15.44 -13.18 29.09
CA ASP C 157 -16.56 -14.11 29.16
C ASP C 157 -17.08 -14.36 27.76
N ILE C 158 -16.77 -15.54 27.21
CA ILE C 158 -17.32 -15.97 25.94
C ILE C 158 -18.79 -16.33 26.17
N GLY C 159 -19.69 -15.52 25.64
CA GLY C 159 -21.10 -15.71 25.90
C GLY C 159 -21.84 -14.40 26.02
N LEU C 160 -21.14 -13.34 26.38
CA LEU C 160 -21.73 -12.02 26.39
C LEU C 160 -20.82 -10.95 25.79
N GLN C 161 -19.58 -11.30 25.43
CA GLN C 161 -18.68 -10.41 24.71
C GLN C 161 -17.91 -11.24 23.70
N SER C 162 -17.81 -10.74 22.47
CA SER C 162 -17.16 -11.46 21.41
C SER C 162 -15.71 -11.05 21.18
N SER C 163 -15.31 -9.87 21.66
CA SER C 163 -13.95 -9.38 21.47
C SER C 163 -13.42 -8.80 22.77
N CYS C 164 -12.14 -9.02 23.01
CA CYS C 164 -11.46 -8.55 24.22
C CYS C 164 -10.25 -7.72 23.83
N THR C 165 -10.12 -6.54 24.45
CA THR C 165 -9.03 -5.61 24.16
C THR C 165 -8.11 -5.49 25.36
N MET C 166 -6.81 -5.35 25.09
CA MET C 166 -5.79 -5.24 26.13
C MET C 166 -4.74 -4.25 25.67
N VAL C 167 -4.51 -3.21 26.45
CA VAL C 167 -3.55 -2.16 26.10
C VAL C 167 -2.29 -2.36 26.94
N VAL C 168 -1.16 -2.50 26.26
CA VAL C 168 0.14 -2.65 26.90
C VAL C 168 0.79 -1.26 26.98
N PRO C 169 1.12 -0.77 28.17
CA PRO C 169 1.65 0.59 28.29
C PRO C 169 3.14 0.63 27.98
N TRP C 170 3.72 1.81 28.13
CA TRP C 170 5.11 2.07 27.80
C TRP C 170 5.94 2.10 29.08
N ILE C 171 6.87 1.16 29.20
CA ILE C 171 7.78 1.07 30.34
C ILE C 171 9.19 0.92 29.81
N SER C 172 10.08 1.82 30.22
CA SER C 172 11.50 1.70 29.89
C SER C 172 12.27 2.74 30.68
N ASN C 173 13.52 2.41 31.02
CA ASN C 173 14.38 3.38 31.68
C ASN C 173 14.69 4.54 30.74
N THR C 174 14.95 4.25 29.47
CA THR C 174 15.24 5.28 28.49
C THR C 174 13.96 5.78 27.84
N THR C 175 14.05 6.92 27.15
CA THR C 175 12.91 7.45 26.43
C THR C 175 12.62 6.69 25.15
N TYR C 176 13.61 5.97 24.62
CA TYR C 176 13.45 5.20 23.40
C TYR C 176 14.09 3.83 23.61
N ARG C 177 13.66 2.88 22.79
CA ARG C 177 14.19 1.52 22.83
C ARG C 177 14.52 1.09 21.41
N LEU C 178 15.52 0.22 21.29
CA LEU C 178 15.97 -0.23 19.99
C LEU C 178 14.98 -1.23 19.41
N THR C 179 14.64 -1.06 18.13
CA THR C 179 13.76 -2.02 17.46
C THR C 179 14.40 -3.39 17.42
N ILE C 180 15.64 -3.48 16.92
CA ILE C 180 16.37 -4.72 16.83
C ILE C 180 17.43 -4.72 17.93
N ASP C 181 17.31 -5.69 18.84
CA ASP C 181 18.26 -5.82 19.94
C ASP C 181 18.39 -7.30 20.26
N ASP C 182 19.48 -7.65 20.94
CA ASP C 182 19.74 -9.02 21.33
C ASP C 182 20.15 -9.05 22.80
N SER C 183 19.80 -10.14 23.47
CA SER C 183 20.01 -10.38 24.89
C SER C 183 18.97 -9.67 25.73
N PHE C 184 18.03 -8.93 25.13
CA PHE C 184 17.01 -8.25 25.91
C PHE C 184 16.10 -9.27 26.61
N THR C 185 15.43 -10.10 25.82
CA THR C 185 14.61 -11.19 26.36
C THR C 185 13.64 -10.67 27.42
N GLU C 186 13.01 -9.54 27.12
CA GLU C 186 12.09 -8.88 28.02
C GLU C 186 11.04 -8.19 27.17
N GLY C 187 10.41 -7.15 27.72
CA GLY C 187 9.30 -6.48 27.07
C GLY C 187 7.96 -6.98 27.53
N GLY C 188 7.92 -8.12 28.23
CA GLY C 188 6.68 -8.67 28.73
C GLY C 188 6.12 -9.72 27.80
N TYR C 189 4.97 -10.25 28.20
CA TYR C 189 4.26 -11.25 27.42
C TYR C 189 2.77 -11.03 27.58
N ILE C 190 2.00 -11.53 26.61
CA ILE C 190 0.56 -11.65 26.72
C ILE C 190 0.20 -13.12 26.58
N SER C 191 -0.55 -13.64 27.54
CA SER C 191 -0.91 -15.04 27.56
C SER C 191 -2.42 -15.21 27.69
N VAL C 192 -2.93 -16.29 27.13
CA VAL C 192 -4.33 -16.66 27.23
C VAL C 192 -4.43 -18.04 27.88
N PHE C 193 -5.26 -18.15 28.91
CA PHE C 193 -5.43 -19.38 29.68
C PHE C 193 -6.90 -19.78 29.73
N TYR C 194 -7.13 -21.08 29.88
CA TYR C 194 -8.47 -21.63 30.09
C TYR C 194 -8.86 -21.44 31.54
N GLN C 195 -9.58 -20.35 31.83
CA GLN C 195 -10.17 -20.21 33.15
C GLN C 195 -11.26 -21.24 33.37
N THR C 196 -12.02 -21.55 32.33
CA THR C 196 -13.16 -22.45 32.41
C THR C 196 -13.28 -23.19 31.09
N ARG C 197 -13.86 -24.39 31.14
CA ARG C 197 -14.07 -25.15 29.91
C ARG C 197 -15.16 -24.48 29.07
N ILE C 198 -15.30 -24.95 27.84
CA ILE C 198 -16.28 -24.43 26.90
C ILE C 198 -17.44 -25.40 26.81
N VAL C 199 -18.65 -24.89 27.03
CA VAL C 199 -19.86 -25.71 27.08
C VAL C 199 -20.72 -25.40 25.88
N VAL C 200 -21.27 -26.44 25.26
CA VAL C 200 -22.12 -26.32 24.09
C VAL C 200 -23.44 -27.03 24.36
N PRO C 201 -24.55 -26.59 23.76
CA PRO C 201 -25.86 -27.12 24.16
C PRO C 201 -26.20 -28.46 23.54
N LEU C 202 -25.74 -28.71 22.33
CA LEU C 202 -26.22 -29.84 21.54
C LEU C 202 -25.06 -30.33 20.68
N SER C 203 -25.38 -31.01 19.59
CA SER C 203 -24.39 -31.52 18.65
C SER C 203 -23.54 -30.41 18.03
N THR C 204 -23.79 -29.17 18.41
CA THR C 204 -22.96 -28.03 18.03
C THR C 204 -21.49 -28.42 18.05
N PRO C 205 -20.70 -28.05 17.04
CA PRO C 205 -19.29 -28.45 17.03
C PRO C 205 -18.55 -27.88 18.25
N ARG C 206 -17.63 -28.68 18.78
CA ARG C 206 -16.89 -28.33 19.98
C ARG C 206 -15.53 -27.72 19.68
N GLU C 207 -15.25 -27.42 18.40
CA GLU C 207 -14.00 -26.82 17.98
C GLU C 207 -14.27 -25.39 17.53
N MET C 208 -13.67 -24.42 18.21
CA MET C 208 -13.82 -23.02 17.88
C MET C 208 -12.50 -22.45 17.38
N ASP C 209 -12.56 -21.22 16.88
CA ASP C 209 -11.40 -20.48 16.44
C ASP C 209 -11.40 -19.09 17.04
N ILE C 210 -10.22 -18.56 17.31
CA ILE C 210 -10.06 -17.17 17.74
C ILE C 210 -8.97 -16.52 16.92
N LEU C 211 -9.17 -15.25 16.59
CA LEU C 211 -8.23 -14.45 15.82
C LEU C 211 -7.69 -13.32 16.68
N GLY C 212 -6.56 -12.77 16.26
CA GLY C 212 -5.92 -11.68 16.98
C GLY C 212 -5.50 -10.55 16.07
N PHE C 213 -5.55 -9.34 16.60
CA PHE C 213 -5.18 -8.13 15.89
C PHE C 213 -4.32 -7.26 16.79
N VAL C 214 -3.35 -6.56 16.20
CA VAL C 214 -2.41 -5.73 16.93
C VAL C 214 -2.35 -4.35 16.31
N SER C 215 -2.18 -3.32 17.14
CA SER C 215 -2.16 -1.95 16.67
C SER C 215 -1.33 -1.11 17.63
N ALA C 216 -1.01 0.10 17.19
CA ALA C 216 -0.25 1.06 17.99
C ALA C 216 -1.16 2.20 18.40
N CYS C 217 -0.99 2.70 19.62
CA CYS C 217 -1.83 3.76 20.13
C CYS C 217 -1.33 5.12 19.63
N ASN C 218 -2.00 6.18 20.08
CA ASN C 218 -1.76 7.54 19.59
C ASN C 218 -0.59 8.21 20.29
N ASP C 219 0.27 7.45 20.95
CA ASP C 219 1.49 7.99 21.57
C ASP C 219 2.72 7.21 21.13
N PHE C 220 2.66 6.56 19.96
CA PHE C 220 3.77 5.81 19.42
C PHE C 220 4.67 6.73 18.61
N SER C 221 5.94 6.35 18.51
CA SER C 221 6.89 7.16 17.76
C SER C 221 8.09 6.30 17.38
N VAL C 222 8.78 6.73 16.32
CA VAL C 222 9.98 6.08 15.83
C VAL C 222 10.97 7.17 15.42
N ARG C 223 12.24 6.78 15.29
CA ARG C 223 13.25 7.72 14.82
C ARG C 223 14.53 6.97 14.42
N LEU C 224 15.44 7.74 13.83
CA LEU C 224 16.70 7.26 13.27
C LEU C 224 16.46 6.26 12.13
N LEU C 225 15.97 6.81 11.02
CA LEU C 225 15.61 6.01 9.87
C LEU C 225 16.76 5.12 9.42
N ARG C 226 16.45 3.85 9.17
CA ARG C 226 17.41 2.88 8.70
C ARG C 226 16.73 1.97 7.68
N ASP C 227 17.34 1.82 6.51
CA ASP C 227 16.83 0.95 5.47
C ASP C 227 17.91 -0.04 5.09
N THR C 228 17.54 -1.33 4.98
CA THR C 228 18.48 -2.38 4.66
C THR C 228 17.98 -3.29 3.54
N THR C 229 16.93 -2.89 2.83
CA THR C 229 16.38 -3.74 1.79
C THR C 229 17.36 -3.82 0.62
N HIS C 230 17.63 -5.03 0.16
CA HIS C 230 18.51 -5.25 -0.97
C HIS C 230 18.20 -6.61 -1.58
N ILE C 231 18.12 -6.64 -2.92
CA ILE C 231 17.86 -7.89 -3.63
C ILE C 231 19.13 -8.57 -4.11
N GLU C 232 20.29 -8.07 -3.70
CA GLU C 232 21.55 -8.65 -4.14
C GLU C 232 21.58 -10.14 -3.87
N GLN C 233 22.37 -10.86 -4.65
CA GLN C 233 22.43 -12.31 -4.58
C GLN C 233 23.79 -12.77 -4.06
#